data_7CMU
#
_entry.id   7CMU
#
_cell.length_a   1.00
_cell.length_b   1.00
_cell.length_c   1.00
_cell.angle_alpha   90.00
_cell.angle_beta   90.00
_cell.angle_gamma   90.00
#
_symmetry.space_group_name_H-M   'P 1'
#
loop_
_entity.id
_entity.type
_entity.pdbx_description
1 polymer 'Guanine nucleotide-binding protein G(i) subunit alpha-1'
2 polymer 'Guanine nucleotide-binding protein G(I)/G(S)/G(T) subunit beta-1'
3 polymer 'Guanine nucleotide-binding protein G(I)/G(S)/G(O) subunit gamma-2'
4 polymer scfv16
5 polymer 'Soluble cytochrome b562,D(3) dopamine receptor'
6 non-polymer (6S)-N6-propyl-4,5,6,7-tetrahydro-1,3-benzothiazole-2,6-diamine
#
loop_
_entity_poly.entity_id
_entity_poly.type
_entity_poly.pdbx_seq_one_letter_code
_entity_poly.pdbx_strand_id
1 'polypeptide(L)'
;MGCTLSAEDKAAVERSKMIDRNLREDGEKAAREVKLLLLGAGESGKNTIVKQMKIIHEAGYSEEECKQYKAVVYSNTIQS
IIAIIRAMGRLKIDFGDSARADDARQLFVLAGAAEEGFMTAELAGVIKRLWKDSGVQACFNRSREYQLNDSAAYYLNDLD
RIAQPNYIPTQQDVLRTRVKTTGIVETHFTFKDLHFKMFDVGAQRSERKKWIHCFEGVTAIIFCVALSDYDLVLAEDEEM
NRMHASMKLFDSICNNKWFTDTSIILFLNKKDLFEEKIKKSPLTICYPEYAGSNTYEEAAAYIQCQFEDLNKRKDTKEIY
THFTCSTDTKNVQFVFDAVTDVIIKNNLKDCGLF
;
A
2 'polypeptide(L)'
;MGSLLQSELDQLRQEAEQLKNQIRDARKACADATLSQITNNIDPVGRIQMRTRRTLRGHLAKIYAMHWGTDSRLLVSASQ
DGKLIIWDSYTTNKVHAIPLRSSWVMTCAYAPSGNYVACGGLDNICSIYNLKTREGNVRVSRELAGHTGYLSCCRFLDDN
QIVTSSGDTTCALWDIETGQQTTTFTGHTGDVMSLSLAPDTRLFVSGACDASAKLWDVREGMCRQTFTGHESDINAICFF
PNGNAFATGSDDATCRLFDLRADQELMTYSHDNIICGITSVSFSKSGRLLLAGYDDFNCNVWDALKADRAGVLAGHDNRV
SCLGVTDDGMAVATGSWDSFLKIWN
;
B
3 'polypeptide(L)' MASNNTASIAQARKLVEQLKMEANIDRIKVSKAAADLMAYCEAHAKEDPLLTPVPASENPFREKKFFCAIL C
4 'polypeptide(L)'
;DVQLVESGGGLVQPGGSRKLSCSASGFAFSSFGMHWVRQAPEKGLEWVAYISSGSGTIYYADTVKGRFTISRDDPKNTLF
LQMTSLRSEDTAMYYCVRSIYYYGSSPFDFWGQGTTLTVSSGGGGSGGGGSGGGGSDIVMTQATSSVPVTPGESVSISCR
SSKSLLHSNGNTYLYWFLQRPGQSPQLLIYRMSNLASGVPDRFSGSGSGTAFTLTISRLEAEDVGVYYCMQHLEYPLTFG
AGTKLELK
;
E
5 'polypeptide(L)'
;DYKDDDDAKLQTMHHHHHHHHHHHHHHHADLEDNWETLNDNLKVIEKADNAAQVKDALTKMRAAALDAQKATPPKLEDKS
PDSPEMKDFRHGFDILVGQIDDALKLANEGKVKEAQAAAEQLKTTRNAYIQKYLASENLYFQGGTMASLSQLSSHLNYTC
GAENSTGASQARPHAYYALSYCALILAIVFGNGLVCMAVLKERALQTTTNYLVVSLAVADLLVATLVMPWVVYLEVTGGV
WNFSRICCDVFVTLDVMMCTASILNLCAISIDRYTAVVMPVHYQHGTGQSSCRRVALMITAVWVLAFAVSCPLLFGFNTT
GDPTVCSISNPDFVIYSSVVSFYLPFGVTVLVYARIYVVLKQRRRKRILTRQNSQCNSVRPGFPQQTLSPDPAHLELKRY
YSICQDTALGGPGFQERGGELKREEKTRNSLSPTIAPKLSLEVRKLSNGRLSTSLKLGPLQPRGVPLREKKATQMVAIVL
GAFIVCWLPFFLTHVLNTHCQTCHVSPELYSATTWLGYVNSALNPVIYTTFNIEFRKAFLKILSC
;
R
#
loop_
_chem_comp.id
_chem_comp.type
_chem_comp.name
_chem_comp.formula
G6L non-polymer (6S)-N6-propyl-4,5,6,7-tetrahydro-1,3-benzothiazole-2,6-diamine 'C10 H17 N3 S'
#
# COMPACT_ATOMS: atom_id res chain seq x y z
N THR A 4 -13.81 -20.20 16.11
CA THR A 4 -14.06 -19.32 17.29
C THR A 4 -14.74 -18.03 16.86
N LEU A 5 -14.51 -17.62 15.62
CA LEU A 5 -15.13 -16.40 15.11
C LEU A 5 -16.63 -16.59 14.96
N SER A 6 -17.38 -15.52 15.20
CA SER A 6 -18.83 -15.56 15.08
C SER A 6 -19.25 -15.41 13.62
N ALA A 7 -20.55 -15.58 13.39
CA ALA A 7 -21.07 -15.46 12.03
C ALA A 7 -20.85 -14.06 11.47
N GLU A 8 -21.11 -13.03 12.29
CA GLU A 8 -20.86 -11.66 11.84
C GLU A 8 -19.38 -11.43 11.59
N ASP A 9 -18.52 -11.96 12.46
CA ASP A 9 -17.09 -11.82 12.24
C ASP A 9 -16.65 -12.54 10.97
N LYS A 10 -17.22 -13.72 10.70
CA LYS A 10 -16.91 -14.42 9.47
C LYS A 10 -17.36 -13.63 8.25
N ALA A 11 -18.53 -13.01 8.32
CA ALA A 11 -19.00 -12.17 7.21
C ALA A 11 -18.06 -10.98 7.02
N ALA A 12 -17.60 -10.38 8.10
CA ALA A 12 -16.66 -9.26 7.99
C ALA A 12 -15.34 -9.73 7.36
N VAL A 13 -14.88 -10.93 7.73
CA VAL A 13 -13.66 -11.47 7.13
C VAL A 13 -13.86 -11.69 5.64
N GLU A 14 -15.02 -12.22 5.24
CA GLU A 14 -15.29 -12.42 3.83
C GLU A 14 -15.33 -11.10 3.08
N ARG A 15 -15.93 -10.07 3.68
CA ARG A 15 -15.95 -8.76 3.06
C ARG A 15 -14.53 -8.20 2.91
N SER A 16 -13.70 -8.39 3.93
CA SER A 16 -12.31 -7.93 3.84
C SER A 16 -11.57 -8.67 2.72
N LYS A 17 -11.81 -9.97 2.58
CA LYS A 17 -11.17 -10.72 1.51
C LYS A 17 -11.65 -10.23 0.14
N MET A 18 -12.94 -9.93 0.01
CA MET A 18 -13.44 -9.38 -1.24
C MET A 18 -12.79 -8.03 -1.56
N ILE A 19 -12.63 -7.18 -0.52
CA ILE A 19 -11.97 -5.90 -0.72
C ILE A 19 -10.53 -6.11 -1.16
N ASP A 20 -9.85 -7.09 -0.55
CA ASP A 20 -8.48 -7.39 -0.95
C ASP A 20 -8.41 -7.84 -2.40
N ARG A 21 -9.35 -8.68 -2.82
CA ARG A 21 -9.39 -9.11 -4.22
C ARG A 21 -9.61 -7.92 -5.15
N ASN A 22 -10.52 -7.02 -4.79
CA ASN A 22 -10.76 -5.85 -5.60
C ASN A 22 -9.51 -4.97 -5.70
N LEU A 23 -8.82 -4.79 -4.58
CA LEU A 23 -7.60 -4.00 -4.59
C LEU A 23 -6.53 -4.65 -5.46
N ARG A 24 -6.41 -5.97 -5.38
CA ARG A 24 -5.44 -6.67 -6.22
C ARG A 24 -5.77 -6.49 -7.70
N GLU A 25 -7.05 -6.61 -8.06
CA GLU A 25 -7.45 -6.41 -9.44
C GLU A 25 -7.15 -4.98 -9.90
N ASP A 26 -7.45 -3.99 -9.05
CA ASP A 26 -7.18 -2.61 -9.42
C ASP A 26 -5.69 -2.37 -9.61
N GLY A 27 -4.86 -2.93 -8.71
CA GLY A 27 -3.42 -2.77 -8.85
C GLY A 27 -2.89 -3.43 -10.12
N GLU A 28 -3.39 -4.63 -10.42
CA GLU A 28 -2.99 -5.29 -11.65
C GLU A 28 -3.36 -4.46 -12.88
N LYS A 29 -4.57 -3.90 -12.87
CA LYS A 29 -5.00 -3.06 -13.99
C LYS A 29 -4.12 -1.82 -14.10
N ALA A 30 -3.78 -1.19 -12.97
CA ALA A 30 -3.04 0.06 -12.98
C ALA A 30 -1.55 -0.14 -13.30
N ALA A 31 -0.99 -1.31 -13.01
CA ALA A 31 0.43 -1.54 -13.23
C ALA A 31 0.80 -1.62 -14.72
N ARG A 32 -0.18 -1.75 -15.60
CA ARG A 32 0.08 -1.90 -17.03
C ARG A 32 0.04 -0.57 -17.79
N GLU A 33 -0.15 0.56 -17.11
CA GLU A 33 -0.17 1.87 -17.75
C GLU A 33 1.16 2.56 -17.54
N VAL A 34 1.72 3.11 -18.61
CA VAL A 34 2.98 3.83 -18.54
C VAL A 34 2.73 5.22 -17.98
N LYS A 35 3.47 5.58 -16.94
CA LYS A 35 3.35 6.87 -16.28
C LYS A 35 4.57 7.72 -16.62
N LEU A 36 4.32 8.90 -17.19
CA LEU A 36 5.38 9.81 -17.57
C LEU A 36 5.05 11.22 -17.09
N LEU A 37 6.09 11.98 -16.76
CA LEU A 37 5.95 13.33 -16.25
C LEU A 37 6.39 14.32 -17.32
N LEU A 38 5.67 15.44 -17.42
CA LEU A 38 5.95 16.49 -18.39
C LEU A 38 6.35 17.75 -17.65
N LEU A 39 7.44 18.37 -18.09
CA LEU A 39 7.96 19.57 -17.46
C LEU A 39 8.37 20.58 -18.52
N GLY A 40 8.39 21.85 -18.13
CA GLY A 40 8.78 22.92 -19.03
C GLY A 40 8.04 24.21 -18.76
N ALA A 41 8.38 25.26 -19.50
CA ALA A 41 7.72 26.55 -19.34
C ALA A 41 6.42 26.59 -20.12
N GLY A 42 5.55 27.53 -19.75
CA GLY A 42 4.26 27.63 -20.42
C GLY A 42 4.39 27.91 -21.90
N GLU A 43 5.31 28.79 -22.27
CA GLU A 43 5.56 29.11 -23.67
C GLU A 43 6.49 28.13 -24.36
N SER A 44 7.02 27.14 -23.63
CA SER A 44 7.93 26.17 -24.22
C SER A 44 7.24 25.22 -25.19
N GLY A 45 5.91 25.19 -25.21
CA GLY A 45 5.17 24.31 -26.09
C GLY A 45 4.46 23.16 -25.40
N LYS A 46 4.37 23.18 -24.06
CA LYS A 46 3.68 22.10 -23.36
C LYS A 46 2.22 22.03 -23.78
N ASN A 47 1.55 23.18 -23.88
CA ASN A 47 0.15 23.19 -24.29
C ASN A 47 -0.01 22.63 -25.69
N THR A 48 0.86 23.02 -26.62
CA THR A 48 0.77 22.51 -27.98
C THR A 48 0.99 21.00 -28.00
N ILE A 49 1.98 20.52 -27.26
CA ILE A 49 2.26 19.07 -27.23
C ILE A 49 1.04 18.32 -26.70
N VAL A 50 0.48 18.79 -25.59
CA VAL A 50 -0.67 18.12 -24.99
C VAL A 50 -1.83 18.13 -25.96
N LYS A 51 -2.11 19.27 -26.59
CA LYS A 51 -3.23 19.38 -27.50
C LYS A 51 -3.08 18.44 -28.68
N GLN A 52 -1.88 18.40 -29.28
CA GLN A 52 -1.68 17.56 -30.45
C GLN A 52 -1.77 16.08 -30.09
N MET A 53 -1.19 15.68 -28.96
CA MET A 53 -1.29 14.28 -28.56
C MET A 53 -2.73 13.90 -28.24
N LYS A 54 -3.48 14.79 -27.58
CA LYS A 54 -4.87 14.48 -27.29
C LYS A 54 -5.69 14.38 -28.57
N ILE A 55 -5.43 15.27 -29.53
CA ILE A 55 -6.19 15.24 -30.79
C ILE A 55 -5.86 13.97 -31.57
N ILE A 56 -4.60 13.54 -31.55
CA ILE A 56 -4.22 12.33 -32.28
C ILE A 56 -4.99 11.12 -31.75
N HIS A 57 -5.08 11.00 -30.43
CA HIS A 57 -5.82 9.90 -29.82
C HIS A 57 -7.31 10.17 -29.86
N THR A 181 -9.83 25.04 -11.04
CA THR A 181 -8.98 24.78 -12.20
C THR A 181 -7.53 24.60 -11.80
N THR A 182 -7.14 25.23 -10.69
CA THR A 182 -5.77 25.13 -10.22
C THR A 182 -5.46 23.70 -9.80
N GLY A 183 -4.22 23.28 -10.06
CA GLY A 183 -3.79 21.93 -9.74
C GLY A 183 -2.85 21.36 -10.78
N ILE A 184 -3.03 20.08 -11.10
CA ILE A 184 -2.22 19.38 -12.09
C ILE A 184 -3.15 18.75 -13.11
N VAL A 185 -2.77 18.84 -14.39
CA VAL A 185 -3.60 18.34 -15.48
C VAL A 185 -3.20 16.90 -15.78
N GLU A 186 -4.21 16.04 -15.91
CA GLU A 186 -4.03 14.63 -16.22
C GLU A 186 -4.53 14.39 -17.65
N THR A 187 -3.68 13.79 -18.48
CA THR A 187 -4.01 13.51 -19.87
C THR A 187 -3.81 12.02 -20.13
N HIS A 188 -4.80 11.39 -20.76
CA HIS A 188 -4.77 9.98 -21.09
C HIS A 188 -4.82 9.81 -22.60
N PHE A 189 -3.92 9.00 -23.14
CA PHE A 189 -3.91 8.71 -24.57
C PHE A 189 -3.36 7.31 -24.78
N THR A 190 -3.71 6.73 -25.92
CA THR A 190 -3.30 5.37 -26.27
C THR A 190 -2.77 5.35 -27.70
N PHE A 191 -1.69 4.58 -27.90
CA PHE A 191 -1.07 4.46 -29.21
C PHE A 191 -0.39 3.10 -29.29
N LYS A 192 -0.77 2.31 -30.28
CA LYS A 192 -0.26 0.95 -30.44
C LYS A 192 -0.52 0.13 -29.18
N ASP A 193 -1.81 -0.05 -28.88
CA ASP A 193 -2.32 -0.85 -27.77
C ASP A 193 -1.43 -0.71 -26.52
N LEU A 194 -0.99 0.52 -26.24
CA LEU A 194 -0.21 0.82 -25.05
C LEU A 194 -0.77 2.07 -24.40
N HIS A 195 -1.05 1.98 -23.10
CA HIS A 195 -1.67 3.07 -22.36
C HIS A 195 -0.59 3.99 -21.79
N PHE A 196 -0.85 5.30 -21.87
CA PHE A 196 0.05 6.31 -21.35
C PHE A 196 -0.69 7.22 -20.39
N LYS A 197 0.02 7.67 -19.35
CA LYS A 197 -0.52 8.61 -18.37
C LYS A 197 0.45 9.77 -18.25
N MET A 198 -0.02 10.98 -18.51
CA MET A 198 0.80 12.18 -18.50
C MET A 198 0.35 13.09 -17.37
N PHE A 199 1.32 13.61 -16.62
CA PHE A 199 1.08 14.51 -15.51
C PHE A 199 1.74 15.85 -15.79
N ASP A 200 0.97 16.93 -15.68
CA ASP A 200 1.47 18.29 -15.90
C ASP A 200 1.46 19.03 -14.56
N VAL A 201 2.61 19.56 -14.17
CA VAL A 201 2.77 20.27 -12.92
C VAL A 201 3.21 21.72 -13.14
N GLY A 202 3.04 22.23 -14.35
CA GLY A 202 3.45 23.60 -14.63
C GLY A 202 2.66 24.62 -13.82
N ALA A 203 1.34 24.43 -13.74
CA ALA A 203 0.50 25.37 -13.01
C ALA A 203 0.78 25.34 -11.50
N GLN A 204 1.43 24.29 -11.00
CA GLN A 204 1.71 24.14 -9.58
C GLN A 204 3.07 24.78 -9.28
N ARG A 205 3.05 26.11 -9.13
CA ARG A 205 4.26 26.86 -8.77
C ARG A 205 4.39 26.88 -7.26
N SER A 206 5.37 26.18 -6.73
CA SER A 206 5.61 26.07 -5.30
C SER A 206 6.98 25.44 -5.10
N GLU A 207 7.30 25.06 -3.86
CA GLU A 207 8.55 24.38 -3.57
C GLU A 207 8.51 22.97 -4.14
N ARG A 208 9.09 22.79 -5.33
CA ARG A 208 8.92 21.53 -6.05
C ARG A 208 9.58 20.37 -5.33
N LYS A 209 10.68 20.61 -4.62
CA LYS A 209 11.37 19.50 -3.95
C LYS A 209 10.57 18.90 -2.81
N LYS A 210 9.49 19.56 -2.39
CA LYS A 210 8.62 19.00 -1.35
C LYS A 210 7.59 18.02 -1.90
N TRP A 211 7.41 17.95 -3.21
CA TRP A 211 6.50 16.98 -3.80
C TRP A 211 7.06 16.30 -5.04
N ILE A 212 8.29 16.63 -5.46
CA ILE A 212 8.87 15.96 -6.62
C ILE A 212 9.10 14.48 -6.34
N HIS A 213 9.32 14.12 -5.07
CA HIS A 213 9.54 12.73 -4.72
C HIS A 213 8.31 11.87 -4.96
N CYS A 214 7.13 12.48 -5.17
CA CYS A 214 5.94 11.71 -5.46
C CYS A 214 6.04 11.00 -6.81
N PHE A 215 6.94 11.46 -7.67
CA PHE A 215 7.10 10.92 -9.02
C PHE A 215 8.32 10.02 -9.16
N GLU A 216 8.69 9.29 -8.10
CA GLU A 216 9.83 8.39 -8.19
C GLU A 216 9.59 7.29 -9.22
N GLY A 217 8.37 6.75 -9.26
CA GLY A 217 8.01 5.68 -10.16
C GLY A 217 7.71 6.10 -11.58
N VAL A 218 7.92 7.37 -11.92
CA VAL A 218 7.62 7.83 -13.27
C VAL A 218 8.52 7.12 -14.27
N THR A 219 7.92 6.58 -15.32
CA THR A 219 8.69 5.84 -16.32
C THR A 219 9.68 6.74 -17.04
N ALA A 220 9.26 7.94 -17.42
CA ALA A 220 10.12 8.87 -18.15
C ALA A 220 9.66 10.29 -17.89
N ILE A 221 10.54 11.24 -18.19
CA ILE A 221 10.27 12.66 -18.00
C ILE A 221 10.34 13.35 -19.36
N ILE A 222 9.31 14.12 -19.68
CA ILE A 222 9.23 14.86 -20.93
C ILE A 222 9.60 16.31 -20.64
N PHE A 223 10.60 16.83 -21.35
CA PHE A 223 11.06 18.20 -21.20
C PHE A 223 10.87 18.95 -22.50
N CYS A 224 10.21 20.10 -22.44
CA CYS A 224 9.94 20.94 -23.61
C CYS A 224 10.60 22.30 -23.41
N VAL A 225 11.35 22.75 -24.41
CA VAL A 225 12.02 24.04 -24.38
C VAL A 225 11.87 24.69 -25.75
N ALA A 226 11.59 25.98 -25.75
CA ALA A 226 11.44 26.74 -26.99
C ALA A 226 12.82 27.11 -27.53
N LEU A 227 13.09 26.73 -28.78
CA LEU A 227 14.40 26.98 -29.36
C LEU A 227 14.62 28.44 -29.73
N SER A 228 13.56 29.22 -29.86
CA SER A 228 13.65 30.60 -30.33
C SER A 228 13.72 31.62 -29.19
N ASP A 229 13.77 31.16 -27.93
CA ASP A 229 13.76 32.05 -26.78
C ASP A 229 15.16 32.48 -26.35
N TYR A 230 16.16 32.36 -27.23
CA TYR A 230 17.52 32.69 -26.82
C TYR A 230 17.75 34.19 -26.73
N ASP A 231 17.05 34.98 -27.56
CA ASP A 231 17.21 36.43 -27.57
C ASP A 231 16.10 37.16 -26.82
N LEU A 232 15.19 36.44 -26.19
CA LEU A 232 14.17 37.05 -25.36
C LEU A 232 14.64 37.19 -23.92
N VAL A 233 13.86 37.94 -23.13
CA VAL A 233 14.20 38.24 -21.75
C VAL A 233 13.02 37.86 -20.86
N LEU A 234 13.32 37.53 -19.61
CA LEU A 234 12.31 37.15 -18.62
C LEU A 234 12.44 38.04 -17.40
N ALA A 235 11.30 38.42 -16.84
CA ALA A 235 11.25 39.26 -15.65
C ALA A 235 11.98 38.58 -14.48
N GLU A 239 17.31 32.77 -14.24
CA GLU A 239 18.26 33.64 -14.91
C GLU A 239 17.51 34.66 -15.77
N MET A 240 18.20 35.74 -16.15
CA MET A 240 17.57 36.79 -16.94
C MET A 240 17.08 36.25 -18.27
N ASN A 241 17.88 35.44 -18.94
CA ASN A 241 17.51 34.90 -20.24
C ASN A 241 16.66 33.65 -20.07
N ARG A 242 15.67 33.49 -20.95
CA ARG A 242 14.75 32.35 -20.85
C ARG A 242 15.49 31.03 -21.07
N MET A 243 16.38 30.97 -22.06
CA MET A 243 17.09 29.72 -22.34
C MET A 243 17.99 29.33 -21.18
N HIS A 244 18.65 30.31 -20.54
CA HIS A 244 19.48 29.99 -19.40
C HIS A 244 18.64 29.41 -18.25
N ALA A 245 17.46 29.98 -18.02
CA ALA A 245 16.56 29.43 -17.00
C ALA A 245 16.12 28.02 -17.36
N SER A 246 15.82 27.78 -18.64
CA SER A 246 15.43 26.43 -19.05
C SER A 246 16.55 25.43 -18.84
N MET A 247 17.79 25.81 -19.18
CA MET A 247 18.93 24.93 -18.95
C MET A 247 19.14 24.67 -17.47
N LYS A 248 18.99 25.71 -16.64
CA LYS A 248 19.13 25.52 -15.20
C LYS A 248 18.07 24.56 -14.67
N LEU A 249 16.83 24.71 -15.14
CA LEU A 249 15.77 23.80 -14.72
C LEU A 249 16.06 22.37 -15.16
N PHE A 250 16.54 22.19 -16.39
CA PHE A 250 16.88 20.86 -16.87
C PHE A 250 18.00 20.25 -16.03
N ASP A 251 19.01 21.05 -15.70
CA ASP A 251 20.11 20.56 -14.87
C ASP A 251 19.61 20.15 -13.50
N SER A 252 18.71 20.96 -12.90
CA SER A 252 18.18 20.63 -11.58
C SER A 252 17.38 19.34 -11.61
N ILE A 253 16.49 19.21 -12.60
CA ILE A 253 15.63 18.02 -12.66
C ILE A 253 16.47 16.78 -12.95
N CYS A 254 17.41 16.87 -13.89
CA CYS A 254 18.20 15.71 -14.26
C CYS A 254 19.04 15.20 -13.08
N ASN A 255 19.61 16.11 -12.30
CA ASN A 255 20.46 15.75 -11.18
C ASN A 255 19.67 15.51 -9.89
N ASN A 256 18.34 15.58 -9.95
CA ASN A 256 17.54 15.33 -8.77
C ASN A 256 17.81 13.93 -8.22
N LYS A 257 17.93 13.84 -6.90
CA LYS A 257 18.28 12.56 -6.27
C LYS A 257 17.19 11.52 -6.45
N TRP A 258 15.95 11.92 -6.73
CA TRP A 258 14.84 10.99 -6.86
C TRP A 258 14.69 10.43 -8.27
N PHE A 259 15.48 10.91 -9.23
CA PHE A 259 15.42 10.48 -10.63
C PHE A 259 16.73 9.82 -11.06
N THR A 260 17.26 8.91 -10.24
CA THR A 260 18.55 8.31 -10.54
C THR A 260 18.50 7.50 -11.83
N ASP A 261 17.46 6.69 -12.01
CA ASP A 261 17.34 5.81 -13.16
C ASP A 261 16.22 6.21 -14.11
N THR A 262 15.74 7.45 -14.03
CA THR A 262 14.64 7.93 -14.86
C THR A 262 15.20 8.62 -16.10
N SER A 263 14.83 8.10 -17.27
CA SER A 263 15.27 8.69 -18.52
C SER A 263 14.53 10.00 -18.78
N ILE A 264 15.14 10.85 -19.61
CA ILE A 264 14.61 12.17 -19.93
C ILE A 264 14.47 12.28 -21.44
N ILE A 265 13.34 12.83 -21.87
CA ILE A 265 13.06 13.06 -23.28
C ILE A 265 12.95 14.57 -23.48
N LEU A 266 13.69 15.08 -24.47
CA LEU A 266 13.75 16.52 -24.75
C LEU A 266 13.08 16.79 -26.09
N PHE A 267 12.18 17.76 -26.11
CA PHE A 267 11.45 18.16 -27.31
C PHE A 267 11.74 19.61 -27.63
N LEU A 268 12.06 19.88 -28.90
CA LEU A 268 12.29 21.24 -29.39
C LEU A 268 11.09 21.62 -30.24
N ASN A 269 10.35 22.63 -29.78
CA ASN A 269 9.03 22.93 -30.35
C ASN A 269 9.04 24.09 -31.34
N LYS A 270 10.00 25.00 -31.26
CA LYS A 270 10.00 26.22 -32.06
C LYS A 270 11.18 26.26 -33.03
N LYS A 271 11.45 25.13 -33.69
CA LYS A 271 12.52 25.12 -34.68
C LYS A 271 12.12 25.86 -35.95
N ASP A 272 10.85 25.83 -36.32
CA ASP A 272 10.40 26.55 -37.52
C ASP A 272 10.59 28.05 -37.37
N LEU A 273 10.26 28.60 -36.20
CA LEU A 273 10.57 30.01 -35.94
C LEU A 273 12.06 30.22 -35.80
N PHE A 274 12.78 29.22 -35.29
CA PHE A 274 14.24 29.33 -35.18
C PHE A 274 14.88 29.51 -36.55
N GLU A 275 14.31 28.86 -37.57
CA GLU A 275 14.85 29.00 -38.92
C GLU A 275 14.90 30.47 -39.33
N GLU A 276 13.81 31.21 -39.10
CA GLU A 276 13.77 32.61 -39.47
C GLU A 276 14.60 33.46 -38.51
N LYS A 277 14.52 33.18 -37.21
CA LYS A 277 15.16 34.05 -36.22
C LYS A 277 16.68 33.97 -36.32
N ILE A 278 17.23 32.78 -36.57
CA ILE A 278 18.68 32.61 -36.61
C ILE A 278 19.26 33.41 -37.76
N LYS A 279 18.55 33.48 -38.89
CA LYS A 279 19.04 34.19 -40.05
C LYS A 279 19.17 35.70 -39.82
N LYS A 280 18.57 36.22 -38.75
CA LYS A 280 18.64 37.64 -38.43
C LYS A 280 19.36 37.93 -37.13
N SER A 281 19.02 37.22 -36.06
CA SER A 281 19.64 37.43 -34.75
C SER A 281 20.72 36.38 -34.51
N PRO A 282 21.99 36.77 -34.38
CA PRO A 282 23.03 35.75 -34.16
C PRO A 282 22.86 35.07 -32.82
N LEU A 283 23.31 33.81 -32.77
CA LEU A 283 23.24 33.01 -31.55
C LEU A 283 24.27 33.41 -30.52
N THR A 284 25.25 34.24 -30.88
CA THR A 284 26.29 34.63 -29.94
C THR A 284 25.73 35.39 -28.74
N ILE A 285 24.53 35.95 -28.86
CA ILE A 285 23.95 36.71 -27.75
C ILE A 285 23.73 35.80 -26.54
N CYS A 286 23.22 34.59 -26.76
CA CYS A 286 22.96 33.65 -25.68
C CYS A 286 24.23 32.95 -25.21
N TYR A 287 25.12 32.60 -26.14
CA TYR A 287 26.34 31.86 -25.84
C TYR A 287 27.53 32.68 -26.31
N PRO A 288 28.11 33.53 -25.44
CA PRO A 288 29.29 34.30 -25.87
C PRO A 288 30.45 33.43 -26.32
N GLU A 289 30.64 32.27 -25.69
CA GLU A 289 31.74 31.39 -26.07
C GLU A 289 31.52 30.72 -27.42
N TYR A 290 30.31 30.78 -27.96
CA TYR A 290 30.05 30.16 -29.26
C TYR A 290 30.90 30.83 -30.35
N ALA A 291 31.51 30.01 -31.20
CA ALA A 291 32.36 30.52 -32.27
C ALA A 291 32.13 29.78 -33.59
N GLY A 292 31.15 28.89 -33.67
CA GLY A 292 30.90 28.15 -34.89
C GLY A 292 30.12 28.96 -35.90
N SER A 293 29.85 28.32 -37.03
CA SER A 293 29.11 28.98 -38.11
C SER A 293 27.68 29.29 -37.66
N ASN A 294 27.13 30.37 -38.22
CA ASN A 294 25.77 30.80 -37.91
C ASN A 294 24.71 30.00 -38.66
N THR A 295 25.10 28.98 -39.41
CA THR A 295 24.13 28.20 -40.16
C THR A 295 23.19 27.45 -39.22
N TYR A 296 22.00 27.13 -39.75
CA TYR A 296 20.95 26.55 -38.92
C TYR A 296 21.39 25.22 -38.30
N GLU A 297 21.97 24.33 -39.11
CA GLU A 297 22.32 23.01 -38.61
C GLU A 297 23.35 23.10 -37.50
N GLU A 298 24.37 23.94 -37.68
CA GLU A 298 25.40 24.09 -36.66
C GLU A 298 24.82 24.63 -35.36
N ALA A 299 23.93 25.62 -35.45
CA ALA A 299 23.31 26.17 -34.25
C ALA A 299 22.46 25.11 -33.54
N ALA A 300 21.67 24.35 -34.30
CA ALA A 300 20.85 23.31 -33.69
C ALA A 300 21.71 22.26 -33.01
N ALA A 301 22.80 21.84 -33.67
CA ALA A 301 23.69 20.86 -33.07
C ALA A 301 24.33 21.41 -31.80
N TYR A 302 24.73 22.68 -31.82
CA TYR A 302 25.33 23.28 -30.62
C TYR A 302 24.35 23.32 -29.47
N ILE A 303 23.10 23.71 -29.74
CA ILE A 303 22.10 23.74 -28.68
C ILE A 303 21.86 22.33 -28.13
N GLN A 304 21.74 21.34 -29.02
CA GLN A 304 21.52 19.98 -28.56
C GLN A 304 22.69 19.49 -27.71
N CYS A 305 23.92 19.75 -28.14
CA CYS A 305 25.08 19.33 -27.38
C CYS A 305 25.15 20.01 -26.02
N GLN A 306 24.85 21.32 -25.99
CA GLN A 306 24.86 22.04 -24.72
C GLN A 306 23.82 21.48 -23.76
N PHE A 307 22.62 21.19 -24.28
CA PHE A 307 21.57 20.61 -23.42
C PHE A 307 21.98 19.24 -22.92
N GLU A 308 22.59 18.42 -23.78
CA GLU A 308 22.97 17.07 -23.37
C GLU A 308 24.12 17.08 -22.36
N ASP A 309 25.05 18.03 -22.49
CA ASP A 309 26.22 18.03 -21.63
C ASP A 309 25.86 18.24 -20.16
N LEU A 310 24.67 18.73 -19.86
CA LEU A 310 24.27 18.94 -18.46
C LEU A 310 24.13 17.64 -17.70
N ASN A 311 24.08 16.50 -18.38
CA ASN A 311 23.98 15.21 -17.71
C ASN A 311 25.29 14.85 -17.05
N LYS A 312 25.22 14.45 -15.78
CA LYS A 312 26.38 14.00 -15.03
C LYS A 312 26.43 12.49 -14.87
N ARG A 313 25.32 11.79 -15.12
CA ARG A 313 25.22 10.37 -14.87
C ARG A 313 24.84 9.64 -16.16
N LYS A 314 25.54 9.99 -17.25
CA LYS A 314 25.21 9.43 -18.56
C LYS A 314 25.22 7.91 -18.55
N ASP A 315 26.11 7.30 -17.76
CA ASP A 315 26.15 5.84 -17.69
C ASP A 315 24.84 5.29 -17.15
N THR A 316 24.30 5.91 -16.10
CA THR A 316 23.09 5.41 -15.47
C THR A 316 21.85 5.75 -16.29
N LYS A 317 21.80 6.93 -16.88
CA LYS A 317 20.62 7.40 -17.61
C LYS A 317 21.05 8.05 -18.91
N GLU A 318 20.13 8.08 -19.87
CA GLU A 318 20.36 8.65 -21.19
C GLU A 318 19.23 9.60 -21.55
N ILE A 319 19.54 10.55 -22.42
CA ILE A 319 18.61 11.59 -22.86
C ILE A 319 18.24 11.34 -24.30
N TYR A 320 16.94 11.38 -24.60
CA TYR A 320 16.44 11.28 -25.96
C TYR A 320 16.01 12.66 -26.42
N THR A 321 16.54 13.09 -27.57
CA THR A 321 16.29 14.42 -28.12
C THR A 321 15.51 14.29 -29.42
N HIS A 322 14.55 15.20 -29.62
CA HIS A 322 13.75 15.23 -30.83
C HIS A 322 13.36 16.67 -31.12
N PHE A 323 13.05 16.92 -32.39
CA PHE A 323 12.65 18.24 -32.86
C PHE A 323 11.18 18.19 -33.29
N THR A 324 10.38 19.09 -32.75
CA THR A 324 8.95 19.13 -33.00
C THR A 324 8.59 20.37 -33.80
N CYS A 325 7.59 20.23 -34.66
CA CYS A 325 7.11 21.32 -35.51
C CYS A 325 5.62 21.11 -35.73
N SER A 326 5.06 21.79 -36.73
CA SER A 326 3.64 21.63 -37.04
C SER A 326 3.28 20.16 -37.23
N THR A 327 4.18 19.39 -37.87
CA THR A 327 3.96 17.96 -38.01
C THR A 327 3.95 17.30 -36.63
N ASP A 328 2.99 16.41 -36.42
CA ASP A 328 2.82 15.73 -35.14
C ASP A 328 2.82 14.21 -35.24
N THR A 329 2.86 13.64 -36.45
CA THR A 329 2.83 12.18 -36.58
C THR A 329 4.04 11.54 -35.94
N LYS A 330 5.22 12.13 -36.14
CA LYS A 330 6.47 11.52 -35.66
C LYS A 330 6.65 11.64 -34.16
N ASN A 331 6.04 12.63 -33.51
CA ASN A 331 6.26 12.82 -32.08
C ASN A 331 5.75 11.64 -31.28
N VAL A 332 4.54 11.15 -31.60
CA VAL A 332 3.99 10.02 -30.88
C VAL A 332 4.81 8.77 -31.11
N GLN A 333 5.25 8.55 -32.35
CA GLN A 333 6.09 7.39 -32.64
C GLN A 333 7.39 7.45 -31.86
N PHE A 334 8.03 8.63 -31.80
CA PHE A 334 9.26 8.78 -31.05
C PHE A 334 9.03 8.51 -29.57
N VAL A 335 7.93 9.03 -29.01
CA VAL A 335 7.63 8.80 -27.61
C VAL A 335 7.44 7.32 -27.34
N PHE A 336 6.69 6.64 -28.22
CA PHE A 336 6.46 5.21 -28.03
C PHE A 336 7.77 4.43 -28.11
N ASP A 337 8.63 4.77 -29.07
CA ASP A 337 9.91 4.09 -29.19
C ASP A 337 10.77 4.30 -27.95
N ALA A 338 10.81 5.53 -27.44
CA ALA A 338 11.59 5.81 -26.24
C ALA A 338 11.06 5.04 -25.05
N VAL A 339 9.73 4.99 -24.89
CA VAL A 339 9.13 4.26 -23.78
C VAL A 339 9.45 2.77 -23.89
N THR A 340 9.35 2.22 -25.10
CA THR A 340 9.66 0.81 -25.29
C THR A 340 11.12 0.52 -24.96
N ASP A 341 12.03 1.39 -25.40
CA ASP A 341 13.45 1.19 -25.09
C ASP A 341 13.69 1.27 -23.59
N VAL A 342 13.07 2.22 -22.91
CA VAL A 342 13.25 2.36 -21.47
C VAL A 342 12.74 1.11 -20.76
N ILE A 343 11.58 0.60 -21.17
CA ILE A 343 11.03 -0.60 -20.54
C ILE A 343 11.94 -1.79 -20.78
N ILE A 344 12.47 -1.92 -22.00
CA ILE A 344 13.37 -3.02 -22.32
C ILE A 344 14.61 -2.95 -21.43
N LYS A 345 15.18 -1.75 -21.29
CA LYS A 345 16.38 -1.61 -20.45
C LYS A 345 16.06 -1.92 -18.99
N ASN A 346 14.90 -1.49 -18.50
CA ASN A 346 14.52 -1.79 -17.12
C ASN A 346 14.38 -3.29 -16.92
N ASN A 347 13.77 -3.98 -17.88
CA ASN A 347 13.64 -5.44 -17.77
C ASN A 347 14.99 -6.13 -17.85
N LEU A 348 15.91 -5.60 -18.67
CA LEU A 348 17.26 -6.14 -18.69
C LEU A 348 17.94 -5.98 -17.33
N LYS A 349 17.75 -4.81 -16.70
CA LYS A 349 18.27 -4.61 -15.35
C LYS A 349 17.68 -5.63 -14.39
N ASP A 350 16.37 -5.86 -14.49
CA ASP A 350 15.71 -6.83 -13.61
C ASP A 350 16.29 -8.23 -13.81
N CYS A 351 16.50 -8.63 -15.06
CA CYS A 351 17.06 -9.94 -15.34
C CYS A 351 18.56 -10.02 -15.01
N GLY A 352 19.20 -8.88 -14.75
CA GLY A 352 20.61 -8.84 -14.44
C GLY A 352 21.49 -8.42 -15.59
N LEU A 353 21.00 -8.48 -16.81
CA LEU A 353 21.78 -8.04 -17.96
C LEU A 353 21.81 -6.52 -18.05
N PHE A 354 22.88 -5.99 -18.63
CA PHE A 354 23.02 -4.56 -18.85
C PHE A 354 23.19 -3.82 -17.52
N LEU B 9 9.64 53.61 4.93
CA LEU B 9 9.98 52.16 4.85
C LEU B 9 11.11 51.82 5.80
N ASP B 10 12.17 52.63 5.77
CA ASP B 10 13.31 52.39 6.65
C ASP B 10 12.90 52.47 8.11
N GLN B 11 12.08 53.47 8.47
CA GLN B 11 11.65 53.60 9.86
C GLN B 11 10.86 52.38 10.31
N LEU B 12 9.97 51.87 9.46
CA LEU B 12 9.21 50.69 9.81
C LEU B 12 10.11 49.47 9.99
N ARG B 13 11.11 49.33 9.12
CA ARG B 13 12.04 48.21 9.26
C ARG B 13 12.83 48.30 10.55
N GLN B 14 13.30 49.51 10.91
CA GLN B 14 14.01 49.68 12.17
C GLN B 14 13.10 49.38 13.35
N GLU B 15 11.84 49.81 13.28
CA GLU B 15 10.90 49.52 14.36
C GLU B 15 10.68 48.01 14.49
N ALA B 16 10.56 47.31 13.37
CA ALA B 16 10.41 45.85 13.41
C ALA B 16 11.63 45.20 14.03
N GLU B 17 12.83 45.64 13.65
CA GLU B 17 14.04 45.09 14.24
C GLU B 17 14.10 45.34 15.74
N GLN B 18 13.73 46.55 16.17
CA GLN B 18 13.72 46.86 17.60
C GLN B 18 12.72 45.99 18.33
N LEU B 19 11.53 45.78 17.75
CA LEU B 19 10.54 44.93 18.38
C LEU B 19 11.03 43.50 18.50
N LYS B 20 11.68 42.99 17.45
CA LYS B 20 12.23 41.64 17.50
C LYS B 20 13.29 41.53 18.59
N ASN B 21 14.17 42.54 18.69
CA ASN B 21 15.20 42.52 19.73
C ASN B 21 14.57 42.56 21.12
N GLN B 22 13.53 43.39 21.30
CA GLN B 22 12.86 43.45 22.59
C GLN B 22 12.21 42.13 22.95
N ILE B 23 11.58 41.48 21.97
CA ILE B 23 10.95 40.18 22.23
C ILE B 23 12.01 39.15 22.62
N ARG B 24 13.14 39.15 21.90
CA ARG B 24 14.20 38.21 22.23
C ARG B 24 14.74 38.46 23.63
N ASP B 25 14.94 39.73 23.99
CA ASP B 25 15.43 40.06 25.32
C ASP B 25 14.45 39.62 26.39
N ALA B 26 13.15 39.86 26.17
CA ALA B 26 12.14 39.45 27.14
C ALA B 26 12.13 37.94 27.31
N ARG B 27 12.22 37.20 26.20
CA ARG B 27 12.27 35.74 26.28
C ARG B 27 13.50 35.27 27.04
N LYS B 28 14.65 35.89 26.77
CA LYS B 28 15.89 35.47 27.42
C LYS B 28 15.85 35.77 28.91
N ALA B 29 15.28 36.90 29.31
CA ALA B 29 15.33 37.32 30.70
C ALA B 29 14.67 36.31 31.63
N CYS B 30 13.70 35.54 31.15
CA CYS B 30 12.97 34.59 31.97
C CYS B 30 13.52 33.17 31.87
N ALA B 31 14.64 32.97 31.20
CA ALA B 31 15.26 31.64 31.10
C ALA B 31 16.12 31.37 32.33
N ASP B 32 15.47 31.46 33.50
CA ASP B 32 16.19 31.27 34.76
C ASP B 32 16.74 29.85 34.88
N ALA B 33 15.94 28.86 34.47
CA ALA B 33 16.33 27.46 34.58
C ALA B 33 15.86 26.71 33.34
N THR B 34 16.48 25.56 33.10
CA THR B 34 16.17 24.72 31.96
C THR B 34 15.46 23.45 32.42
N LEU B 35 14.72 22.84 31.49
CA LEU B 35 13.96 21.64 31.82
C LEU B 35 14.90 20.50 32.21
N SER B 36 16.04 20.37 31.53
CA SER B 36 16.96 19.28 31.80
C SER B 36 17.48 19.34 33.23
N GLN B 37 17.84 20.54 33.70
CA GLN B 37 18.39 20.67 35.05
C GLN B 37 17.37 20.21 36.10
N ILE B 38 16.11 20.61 35.93
CA ILE B 38 15.08 20.23 36.90
C ILE B 38 14.78 18.74 36.81
N THR B 39 14.71 18.20 35.59
CA THR B 39 14.36 16.80 35.39
C THR B 39 15.51 15.85 35.69
N ASN B 40 16.73 16.36 35.89
CA ASN B 40 17.84 15.48 36.24
C ASN B 40 17.62 14.76 37.56
N ASN B 41 16.71 15.24 38.40
CA ASN B 41 16.51 14.71 39.74
C ASN B 41 15.40 13.66 39.81
N ILE B 42 15.11 12.96 38.72
CA ILE B 42 14.14 11.88 38.71
C ILE B 42 14.74 10.68 38.00
N ASP B 43 14.24 9.50 38.36
CA ASP B 43 14.76 8.26 37.79
C ASP B 43 14.35 8.14 36.33
N PRO B 44 15.28 7.80 35.42
CA PRO B 44 14.89 7.63 34.02
C PRO B 44 14.13 6.33 33.78
N VAL B 45 13.38 6.32 32.69
CA VAL B 45 12.62 5.14 32.30
C VAL B 45 13.57 4.10 31.71
N GLY B 46 13.24 2.83 31.90
CA GLY B 46 14.06 1.74 31.40
C GLY B 46 13.87 1.53 29.91
N ARG B 47 14.64 0.58 29.38
CA ARG B 47 14.58 0.25 27.97
C ARG B 47 13.16 -0.13 27.58
N ILE B 48 12.63 0.54 26.54
CA ILE B 48 11.28 0.27 26.08
C ILE B 48 11.34 -0.80 24.99
N GLN B 49 10.64 -1.90 25.21
CA GLN B 49 10.57 -3.00 24.26
C GLN B 49 9.17 -3.06 23.67
N MET B 50 9.08 -2.96 22.35
CA MET B 50 7.81 -2.99 21.63
C MET B 50 7.90 -4.02 20.52
N ARG B 51 6.93 -4.94 20.49
CA ARG B 51 6.87 -5.99 19.48
C ARG B 51 5.66 -5.74 18.59
N THR B 52 5.88 -5.76 17.28
CA THR B 52 4.78 -5.57 16.34
C THR B 52 3.72 -6.64 16.55
N ARG B 53 2.46 -6.21 16.64
CA ARG B 53 1.34 -7.12 16.86
C ARG B 53 0.55 -7.40 15.59
N ARG B 54 0.34 -6.40 14.75
CA ARG B 54 -0.39 -6.58 13.49
C ARG B 54 0.40 -5.93 12.36
N THR B 55 0.34 -6.56 11.19
CA THR B 55 0.99 -6.04 9.98
C THR B 55 -0.08 -5.92 8.91
N LEU B 56 -0.64 -4.72 8.76
CA LEU B 56 -1.71 -4.49 7.80
C LEU B 56 -1.16 -4.53 6.38
N ARG B 57 -1.85 -5.27 5.51
CA ARG B 57 -1.46 -5.41 4.12
C ARG B 57 -2.66 -5.15 3.22
N GLY B 58 -2.37 -4.70 2.00
CA GLY B 58 -3.42 -4.40 1.04
C GLY B 58 -3.10 -3.19 0.20
N HIS B 59 -2.19 -2.34 0.70
CA HIS B 59 -1.76 -1.18 -0.06
C HIS B 59 -0.64 -1.57 -1.03
N LEU B 60 -0.76 -1.08 -2.26
CA LEU B 60 0.23 -1.38 -3.31
C LEU B 60 1.05 -0.15 -3.68
N ALA B 61 1.07 0.87 -2.83
CA ALA B 61 1.83 2.08 -3.09
C ALA B 61 2.33 2.63 -1.75
N LYS B 62 3.00 3.78 -1.80
CA LYS B 62 3.56 4.38 -0.60
C LYS B 62 2.44 4.84 0.34
N ILE B 63 2.68 4.69 1.63
CA ILE B 63 1.79 5.21 2.66
C ILE B 63 2.28 6.60 3.06
N TYR B 64 1.38 7.58 3.02
CA TYR B 64 1.72 8.97 3.26
C TYR B 64 1.13 9.54 4.54
N ALA B 65 -0.10 9.17 4.88
CA ALA B 65 -0.75 9.70 6.07
C ALA B 65 -1.66 8.66 6.69
N MET B 66 -1.90 8.79 7.99
CA MET B 66 -2.82 7.91 8.70
C MET B 66 -3.30 8.65 9.95
N HIS B 67 -4.49 8.28 10.41
CA HIS B 67 -5.09 8.91 11.58
C HIS B 67 -5.81 7.85 12.39
N TRP B 68 -5.60 7.88 13.71
CA TRP B 68 -6.26 6.95 14.61
C TRP B 68 -7.66 7.43 14.95
N GLY B 69 -8.57 6.48 15.12
CA GLY B 69 -9.94 6.82 15.48
C GLY B 69 -10.09 7.12 16.96
N THR B 70 -11.20 7.78 17.29
CA THR B 70 -11.48 8.11 18.69
C THR B 70 -11.69 6.84 19.51
N ASP B 71 -12.36 5.84 18.93
CA ASP B 71 -12.58 4.58 19.61
C ASP B 71 -11.28 3.79 19.83
N SER B 72 -10.19 4.20 19.19
CA SER B 72 -8.88 3.54 19.31
C SER B 72 -8.85 2.18 18.65
N ARG B 73 -9.80 1.89 17.77
CA ARG B 73 -9.84 0.63 17.03
C ARG B 73 -9.75 0.81 15.53
N LEU B 74 -10.52 1.75 14.97
CA LEU B 74 -10.52 1.99 13.53
C LEU B 74 -9.49 3.06 13.18
N LEU B 75 -8.84 2.87 12.03
CA LEU B 75 -7.89 3.84 11.52
C LEU B 75 -7.97 3.86 10.00
N VAL B 76 -7.60 4.99 9.41
CA VAL B 76 -7.64 5.20 7.97
C VAL B 76 -6.25 5.57 7.49
N SER B 77 -5.84 4.97 6.37
CA SER B 77 -4.53 5.23 5.78
C SER B 77 -4.70 5.66 4.34
N ALA B 78 -3.82 6.54 3.88
CA ALA B 78 -3.84 7.07 2.53
C ALA B 78 -2.60 6.61 1.77
N SER B 79 -2.79 6.21 0.51
CA SER B 79 -1.71 5.73 -0.34
C SER B 79 -1.78 6.45 -1.68
N GLN B 80 -0.69 6.31 -2.44
CA GLN B 80 -0.57 6.97 -3.74
C GLN B 80 -1.32 6.23 -4.85
N ASP B 81 -1.91 5.07 -4.56
CA ASP B 81 -2.68 4.33 -5.54
C ASP B 81 -4.12 4.82 -5.65
N GLY B 82 -4.49 5.85 -4.89
CA GLY B 82 -5.83 6.38 -4.97
C GLY B 82 -6.87 5.63 -4.18
N LYS B 83 -6.47 4.91 -3.14
CA LYS B 83 -7.39 4.12 -2.32
C LYS B 83 -7.22 4.52 -0.86
N LEU B 84 -8.34 4.77 -0.19
CA LEU B 84 -8.39 4.96 1.25
C LEU B 84 -8.97 3.70 1.89
N ILE B 85 -8.26 3.14 2.85
CA ILE B 85 -8.65 1.89 3.49
C ILE B 85 -8.86 2.16 4.98
N ILE B 86 -10.01 1.75 5.50
CA ILE B 86 -10.30 1.81 6.92
C ILE B 86 -10.08 0.43 7.51
N TRP B 87 -9.11 0.31 8.41
CA TRP B 87 -8.69 -0.97 8.95
C TRP B 87 -9.26 -1.17 10.35
N ASP B 88 -9.66 -2.41 10.65
CA ASP B 88 -10.03 -2.81 12.00
C ASP B 88 -8.78 -3.35 12.67
N SER B 89 -8.13 -2.51 13.49
CA SER B 89 -6.84 -2.88 14.05
C SER B 89 -6.92 -4.15 14.89
N TYR B 90 -8.05 -4.37 15.57
CA TYR B 90 -8.17 -5.56 16.42
C TYR B 90 -8.13 -6.84 15.59
N THR B 91 -8.80 -6.85 14.44
CA THR B 91 -8.87 -8.02 13.59
C THR B 91 -8.18 -7.87 12.24
N THR B 92 -7.69 -6.67 11.91
CA THR B 92 -7.02 -6.35 10.65
C THR B 92 -7.96 -6.38 9.46
N ASN B 93 -9.27 -6.61 9.66
CA ASN B 93 -10.20 -6.65 8.55
C ASN B 93 -10.39 -5.26 7.96
N LYS B 94 -10.57 -5.21 6.64
CA LYS B 94 -10.82 -3.94 5.96
C LYS B 94 -12.30 -3.59 6.05
N VAL B 95 -12.60 -2.37 6.47
CA VAL B 95 -13.97 -1.92 6.63
C VAL B 95 -14.50 -1.26 5.37
N HIS B 96 -13.72 -0.36 4.78
CA HIS B 96 -14.15 0.37 3.59
C HIS B 96 -12.95 0.57 2.66
N ALA B 97 -13.26 0.74 1.38
CA ALA B 97 -12.27 1.05 0.35
C ALA B 97 -12.84 2.16 -0.53
N ILE B 98 -12.27 3.35 -0.41
CA ILE B 98 -12.78 4.55 -1.08
C ILE B 98 -11.84 4.86 -2.25
N PRO B 99 -12.27 4.72 -3.51
CA PRO B 99 -11.41 5.10 -4.63
C PRO B 99 -11.36 6.62 -4.79
N LEU B 100 -10.15 7.17 -4.72
CA LEU B 100 -9.97 8.61 -4.87
C LEU B 100 -9.97 9.01 -6.33
N ARG B 101 -10.63 10.13 -6.63
CA ARG B 101 -10.62 10.66 -8.00
C ARG B 101 -9.23 11.12 -8.41
N SER B 102 -8.39 11.51 -7.45
CA SER B 102 -7.01 11.89 -7.72
C SER B 102 -6.10 11.02 -6.87
N SER B 103 -5.21 10.29 -7.53
CA SER B 103 -4.31 9.37 -6.82
C SER B 103 -3.20 10.08 -6.06
N TRP B 104 -3.02 11.38 -6.28
CA TRP B 104 -1.95 12.13 -5.63
C TRP B 104 -2.42 12.70 -4.29
N VAL B 105 -2.76 11.79 -3.39
CA VAL B 105 -3.20 12.17 -2.04
C VAL B 105 -1.99 12.28 -1.13
N MET B 106 -1.97 13.34 -0.32
CA MET B 106 -0.86 13.60 0.58
C MET B 106 -1.25 13.64 2.05
N THR B 107 -2.54 13.67 2.38
CA THR B 107 -2.97 13.72 3.77
C THR B 107 -4.36 13.13 3.89
N CYS B 108 -4.72 12.72 5.11
CA CYS B 108 -6.03 12.19 5.39
C CYS B 108 -6.40 12.53 6.83
N ALA B 109 -7.70 12.56 7.11
CA ALA B 109 -8.21 12.87 8.43
C ALA B 109 -9.42 12.00 8.73
N TYR B 110 -9.65 11.79 10.02
CA TYR B 110 -10.78 10.99 10.51
C TYR B 110 -11.57 11.83 11.49
N ALA B 111 -12.88 11.94 11.25
CA ALA B 111 -13.70 12.80 12.08
C ALA B 111 -13.78 12.26 13.51
N PRO B 112 -13.90 13.14 14.51
CA PRO B 112 -14.03 12.64 15.89
C PRO B 112 -15.21 11.70 16.07
N SER B 113 -16.33 11.97 15.42
CA SER B 113 -17.49 11.10 15.50
C SER B 113 -17.40 9.90 14.55
N GLY B 114 -16.47 9.93 13.60
CA GLY B 114 -16.31 8.83 12.67
C GLY B 114 -17.31 8.81 11.53
N ASN B 115 -18.14 9.85 11.41
CA ASN B 115 -19.11 9.89 10.32
C ASN B 115 -18.47 10.23 8.99
N TYR B 116 -17.46 11.10 8.98
CA TYR B 116 -16.85 11.58 7.75
C TYR B 116 -15.33 11.52 7.84
N VAL B 117 -14.69 11.44 6.68
CA VAL B 117 -13.25 11.47 6.56
C VAL B 117 -12.89 12.49 5.48
N ALA B 118 -11.64 12.98 5.56
CA ALA B 118 -11.15 13.99 4.63
C ALA B 118 -9.79 13.57 4.08
N CYS B 119 -9.49 14.06 2.88
CA CYS B 119 -8.21 13.79 2.23
C CYS B 119 -7.93 14.89 1.23
N GLY B 120 -6.66 15.01 0.85
CA GLY B 120 -6.26 16.02 -0.12
C GLY B 120 -4.82 15.82 -0.51
N GLY B 121 -4.40 16.58 -1.53
CA GLY B 121 -3.05 16.47 -2.04
C GLY B 121 -2.74 17.49 -3.12
N LEU B 122 -2.04 17.04 -4.17
CA LEU B 122 -1.63 17.94 -5.24
C LEU B 122 -2.82 18.52 -6.00
N ASP B 123 -4.01 17.94 -5.87
CA ASP B 123 -5.19 18.45 -6.56
C ASP B 123 -5.67 19.78 -5.99
N ASN B 124 -5.14 20.21 -4.85
CA ASN B 124 -5.50 21.48 -4.22
C ASN B 124 -6.97 21.51 -3.80
N ILE B 125 -7.58 20.34 -3.63
CA ILE B 125 -8.99 20.23 -3.23
C ILE B 125 -9.09 19.20 -2.11
N CYS B 126 -9.85 19.54 -1.08
CA CYS B 126 -10.10 18.63 0.03
C CYS B 126 -11.49 18.02 -0.14
N SER B 127 -11.54 16.69 -0.17
CA SER B 127 -12.77 15.96 -0.41
C SER B 127 -13.24 15.29 0.88
N ILE B 128 -14.53 15.41 1.16
CA ILE B 128 -15.15 14.85 2.35
C ILE B 128 -16.03 13.69 1.92
N TYR B 129 -15.83 12.52 2.53
CA TYR B 129 -16.59 11.32 2.22
C TYR B 129 -17.46 10.94 3.41
N ASN B 130 -18.65 10.43 3.11
CA ASN B 130 -19.61 10.03 4.14
C ASN B 130 -19.57 8.52 4.30
N LEU B 131 -19.26 8.05 5.51
CA LEU B 131 -19.15 6.64 5.80
C LEU B 131 -20.45 6.03 6.32
N LYS B 132 -21.50 6.83 6.51
CA LYS B 132 -22.77 6.37 7.05
C LYS B 132 -23.92 6.72 6.12
N THR B 133 -23.74 6.50 4.83
CA THR B 133 -24.77 6.79 3.85
C THR B 133 -25.85 5.72 3.88
N ARG B 134 -27.11 6.16 3.74
CA ARG B 134 -28.21 5.20 3.58
C ARG B 134 -28.07 4.40 2.30
N GLU B 135 -27.36 4.96 1.30
CA GLU B 135 -27.10 4.21 0.07
C GLU B 135 -26.26 2.96 0.33
N GLY B 136 -25.45 2.96 1.38
CA GLY B 136 -24.62 1.83 1.71
C GLY B 136 -23.21 1.91 1.16
N ASN B 137 -22.93 2.83 0.25
CA ASN B 137 -21.60 3.01 -0.31
C ASN B 137 -21.04 4.37 0.10
N VAL B 138 -19.72 4.44 0.19
CA VAL B 138 -19.05 5.68 0.59
C VAL B 138 -18.95 6.58 -0.62
N ARG B 139 -19.47 7.81 -0.48
CA ARG B 139 -19.46 8.79 -1.56
C ARG B 139 -18.99 10.13 -1.02
N VAL B 140 -18.41 10.94 -1.91
CA VAL B 140 -17.93 12.26 -1.52
C VAL B 140 -19.13 13.15 -1.20
N SER B 141 -19.09 13.80 -0.04
CA SER B 141 -20.18 14.68 0.37
C SER B 141 -19.98 16.10 -0.15
N ARG B 142 -18.84 16.71 0.17
CA ARG B 142 -18.56 18.07 -0.29
C ARG B 142 -17.09 18.15 -0.70
N GLU B 143 -16.80 19.07 -1.61
CA GLU B 143 -15.44 19.32 -2.07
C GLU B 143 -15.06 20.76 -1.72
N LEU B 144 -13.92 20.91 -1.05
CA LEU B 144 -13.47 22.22 -0.57
C LEU B 144 -12.39 22.73 -1.50
N ALA B 145 -12.82 23.47 -2.52
CA ALA B 145 -11.91 24.07 -3.48
C ALA B 145 -11.68 25.54 -3.16
N GLY B 146 -10.52 26.05 -3.58
CA GLY B 146 -10.17 27.44 -3.35
C GLY B 146 -8.71 27.64 -3.04
N HIS B 147 -8.04 26.59 -2.61
CA HIS B 147 -6.61 26.66 -2.29
C HIS B 147 -5.79 26.70 -3.57
N THR B 148 -4.73 27.51 -3.56
CA THR B 148 -3.84 27.64 -4.70
C THR B 148 -2.61 26.74 -4.59
N GLY B 149 -2.55 25.89 -3.57
CA GLY B 149 -1.43 24.99 -3.40
C GLY B 149 -1.89 23.63 -2.93
N TYR B 150 -0.97 22.67 -3.00
CA TYR B 150 -1.29 21.30 -2.61
C TYR B 150 -1.60 21.23 -1.12
N LEU B 151 -2.62 20.47 -0.76
CA LEU B 151 -3.00 20.31 0.63
C LEU B 151 -1.91 19.58 1.40
N SER B 152 -1.52 20.13 2.54
CA SER B 152 -0.47 19.55 3.38
C SER B 152 -1.03 18.75 4.54
N CYS B 153 -2.05 19.27 5.23
CA CYS B 153 -2.64 18.57 6.36
C CYS B 153 -4.07 19.07 6.55
N CYS B 154 -4.87 18.25 7.23
CA CYS B 154 -6.25 18.59 7.52
C CYS B 154 -6.67 17.87 8.79
N ARG B 155 -7.48 18.54 9.60
CA ARG B 155 -7.99 17.98 10.84
C ARG B 155 -9.41 18.47 11.07
N PHE B 156 -10.25 17.60 11.62
CA PHE B 156 -11.65 17.91 11.85
C PHE B 156 -11.82 18.60 13.19
N LEU B 157 -12.25 19.86 13.18
CA LEU B 157 -12.59 20.54 14.43
C LEU B 157 -13.87 19.95 15.03
N ASP B 158 -14.87 19.69 14.20
CA ASP B 158 -16.16 19.20 14.65
C ASP B 158 -16.91 18.76 13.39
N ASP B 159 -18.10 18.17 13.58
CA ASP B 159 -18.89 17.70 12.44
C ASP B 159 -19.21 18.82 11.45
N ASN B 160 -19.22 20.08 11.91
CA ASN B 160 -19.66 21.20 11.08
C ASN B 160 -18.53 21.84 10.29
N GLN B 161 -17.33 21.96 10.86
CA GLN B 161 -16.23 22.70 10.25
C GLN B 161 -14.96 21.88 10.29
N ILE B 162 -14.09 22.11 9.31
CA ILE B 162 -12.79 21.44 9.19
C ILE B 162 -11.74 22.49 8.87
N VAL B 163 -10.55 22.31 9.45
CA VAL B 163 -9.41 23.19 9.22
C VAL B 163 -8.41 22.44 8.35
N THR B 164 -7.93 23.10 7.29
CA THR B 164 -7.01 22.49 6.33
C THR B 164 -5.80 23.38 6.13
N SER B 165 -4.70 22.75 5.74
CA SER B 165 -3.45 23.44 5.43
C SER B 165 -3.05 23.15 3.99
N SER B 166 -2.50 24.17 3.33
CA SER B 166 -2.14 24.08 1.92
C SER B 166 -0.72 24.61 1.73
N GLY B 167 -0.16 24.34 0.56
CA GLY B 167 1.19 24.76 0.24
C GLY B 167 1.32 26.20 -0.21
N ASP B 168 0.21 26.93 -0.30
CA ASP B 168 0.23 28.34 -0.70
C ASP B 168 0.62 29.28 0.44
N THR B 169 1.13 28.74 1.56
CA THR B 169 1.60 29.50 2.72
C THR B 169 0.45 30.00 3.57
N THR B 170 -0.78 29.58 3.32
CA THR B 170 -1.95 30.04 4.07
C THR B 170 -2.81 28.86 4.47
N CYS B 171 -3.45 28.98 5.63
CA CYS B 171 -4.38 27.99 6.15
C CYS B 171 -5.76 28.62 6.27
N ALA B 172 -6.80 27.80 6.09
CA ALA B 172 -8.17 28.28 6.11
C ALA B 172 -9.06 27.31 6.86
N LEU B 173 -10.13 27.85 7.43
CA LEU B 173 -11.16 27.06 8.11
C LEU B 173 -12.38 26.98 7.21
N TRP B 174 -12.83 25.75 6.93
CA TRP B 174 -13.90 25.52 5.97
C TRP B 174 -15.15 25.03 6.69
N ASP B 175 -16.30 25.60 6.30
CA ASP B 175 -17.60 25.15 6.77
C ASP B 175 -18.13 24.13 5.77
N ILE B 176 -18.32 22.90 6.20
CA ILE B 176 -18.69 21.82 5.28
C ILE B 176 -20.03 22.11 4.64
N GLU B 177 -21.02 22.52 5.46
CA GLU B 177 -22.35 22.77 4.92
C GLU B 177 -22.34 23.97 3.97
N THR B 178 -21.60 25.02 4.31
CA THR B 178 -21.56 26.20 3.46
C THR B 178 -20.66 25.98 2.24
N GLY B 179 -19.54 25.28 2.42
CA GLY B 179 -18.60 25.06 1.35
C GLY B 179 -17.63 26.20 1.10
N GLN B 180 -17.74 27.29 1.84
CA GLN B 180 -16.87 28.45 1.69
C GLN B 180 -16.08 28.67 2.97
N GLN B 181 -14.78 28.88 2.82
CA GLN B 181 -13.93 29.13 3.99
C GLN B 181 -14.38 30.39 4.70
N THR B 182 -14.52 30.30 6.02
CA THR B 182 -14.96 31.44 6.82
C THR B 182 -13.80 32.26 7.35
N THR B 183 -12.65 31.63 7.63
CA THR B 183 -11.48 32.31 8.13
C THR B 183 -10.25 31.90 7.33
N THR B 184 -9.34 32.85 7.14
CA THR B 184 -8.10 32.61 6.41
C THR B 184 -6.93 33.02 7.30
N PHE B 185 -5.94 32.14 7.41
CA PHE B 185 -4.76 32.38 8.22
C PHE B 185 -3.58 32.70 7.30
N THR B 186 -2.94 33.84 7.55
CA THR B 186 -1.82 34.30 6.75
C THR B 186 -0.71 34.80 7.65
N GLY B 187 0.52 34.73 7.16
CA GLY B 187 1.68 35.17 7.92
C GLY B 187 2.89 34.28 7.75
N HIS B 188 2.67 33.07 7.22
CA HIS B 188 3.77 32.13 7.02
C HIS B 188 4.55 32.49 5.76
N THR B 189 5.86 32.65 5.91
CA THR B 189 6.71 32.95 4.76
C THR B 189 6.96 31.73 3.89
N GLY B 190 6.84 30.52 4.44
CA GLY B 190 7.04 29.30 3.69
C GLY B 190 5.76 28.47 3.61
N ASP B 191 5.83 27.41 2.83
CA ASP B 191 4.68 26.53 2.64
C ASP B 191 4.37 25.80 3.94
N VAL B 192 3.09 25.75 4.29
CA VAL B 192 2.66 25.10 5.53
C VAL B 192 2.64 23.59 5.32
N MET B 193 3.29 22.86 6.23
CA MET B 193 3.48 21.42 6.07
C MET B 193 2.57 20.58 6.96
N SER B 194 2.24 21.03 8.16
CA SER B 194 1.52 20.19 9.10
C SER B 194 0.61 21.04 9.97
N LEU B 195 -0.40 20.37 10.55
CA LEU B 195 -1.33 21.00 11.48
C LEU B 195 -1.53 20.08 12.68
N SER B 196 -1.89 20.69 13.80
CA SER B 196 -2.19 19.93 15.02
C SER B 196 -3.24 20.70 15.82
N LEU B 197 -4.21 19.97 16.37
CA LEU B 197 -5.30 20.56 17.12
C LEU B 197 -5.09 20.32 18.62
N ALA B 198 -5.35 21.35 19.41
CA ALA B 198 -5.22 21.24 20.85
C ALA B 198 -6.32 20.34 21.41
N PRO B 199 -6.11 19.75 22.59
CA PRO B 199 -7.14 18.86 23.15
C PRO B 199 -8.50 19.53 23.30
N ASP B 200 -8.52 20.81 23.66
CA ASP B 200 -9.76 21.54 23.83
C ASP B 200 -10.27 22.14 22.52
N THR B 201 -9.52 22.05 21.44
CA THR B 201 -9.85 22.60 20.14
C THR B 201 -9.91 24.12 20.14
N ARG B 202 -9.45 24.76 21.21
CA ARG B 202 -9.47 26.22 21.26
C ARG B 202 -8.44 26.84 20.34
N LEU B 203 -7.27 26.20 20.20
CA LEU B 203 -6.17 26.76 19.42
C LEU B 203 -5.53 25.64 18.62
N PHE B 204 -4.82 26.04 17.55
CA PHE B 204 -4.07 25.10 16.73
C PHE B 204 -2.80 25.79 16.25
N VAL B 205 -1.80 24.97 15.92
CA VAL B 205 -0.50 25.46 15.48
C VAL B 205 -0.18 24.83 14.12
N SER B 206 0.65 25.53 13.36
CA SER B 206 1.04 25.09 12.02
C SER B 206 2.53 25.29 11.83
N GLY B 207 3.15 24.41 11.06
CA GLY B 207 4.56 24.52 10.71
C GLY B 207 4.72 24.80 9.24
N ALA B 208 5.75 25.56 8.89
CA ALA B 208 6.00 25.98 7.53
C ALA B 208 7.48 25.80 7.19
N CYS B 209 7.79 25.97 5.91
CA CYS B 209 9.16 25.81 5.44
C CYS B 209 10.09 26.91 5.93
N ASP B 210 9.55 27.99 6.50
CA ASP B 210 10.36 29.08 7.03
C ASP B 210 10.99 28.73 8.39
N ALA B 211 10.92 27.47 8.81
CA ALA B 211 11.52 27.02 10.06
C ALA B 211 10.91 27.71 11.28
N SER B 212 9.65 28.12 11.18
CA SER B 212 8.95 28.77 12.27
C SER B 212 7.57 28.15 12.43
N ALA B 213 7.11 28.05 13.68
CA ALA B 213 5.78 27.57 14.00
C ALA B 213 4.97 28.71 14.61
N LYS B 214 3.71 28.83 14.18
CA LYS B 214 2.85 29.93 14.59
C LYS B 214 1.61 29.41 15.28
N LEU B 215 1.13 30.17 16.26
CA LEU B 215 -0.08 29.85 17.00
C LEU B 215 -1.24 30.69 16.45
N TRP B 216 -2.34 30.02 16.10
CA TRP B 216 -3.48 30.65 15.48
C TRP B 216 -4.73 30.48 16.35
N ASP B 217 -5.64 31.44 16.23
CA ASP B 217 -6.91 31.40 16.95
C ASP B 217 -8.02 30.99 16.00
N VAL B 218 -8.86 30.05 16.44
CA VAL B 218 -9.89 29.50 15.55
C VAL B 218 -10.87 30.58 15.13
N ARG B 219 -11.34 31.39 16.09
CA ARG B 219 -12.38 32.38 15.79
C ARG B 219 -11.78 33.72 15.41
N GLU B 220 -10.77 34.18 16.14
CA GLU B 220 -10.20 35.49 15.84
C GLU B 220 -9.46 35.49 14.51
N GLY B 221 -8.93 34.35 14.10
CA GLY B 221 -8.21 34.27 12.84
C GLY B 221 -6.96 35.10 12.80
N MET B 222 -6.20 35.16 13.90
CA MET B 222 -4.99 35.94 13.98
C MET B 222 -3.91 35.11 14.67
N CYS B 223 -2.65 35.43 14.34
CA CYS B 223 -1.51 34.71 14.91
C CYS B 223 -1.14 35.34 16.26
N ARG B 224 -1.46 34.64 17.34
CA ARG B 224 -1.15 35.15 18.67
C ARG B 224 0.34 35.03 18.99
N GLN B 225 0.97 33.93 18.60
CA GLN B 225 2.32 33.62 19.02
C GLN B 225 3.09 33.00 17.86
N THR B 226 4.41 33.17 17.89
CA THR B 226 5.30 32.64 16.87
C THR B 226 6.48 31.95 17.55
N PHE B 227 7.01 30.91 16.88
CA PHE B 227 8.13 30.14 17.39
C PHE B 227 9.23 30.06 16.34
N THR B 228 10.47 30.11 16.80
CA THR B 228 11.63 30.03 15.91
C THR B 228 12.75 29.29 16.61
N GLY B 229 13.70 28.80 15.83
CA GLY B 229 14.85 28.09 16.37
C GLY B 229 15.30 26.92 15.53
N HIS B 230 14.42 26.42 14.67
CA HIS B 230 14.77 25.32 13.79
C HIS B 230 15.68 25.78 12.69
N GLU B 231 16.65 24.94 12.32
CA GLU B 231 17.60 25.24 11.26
C GLU B 231 17.12 24.81 9.88
N SER B 232 15.95 24.17 9.79
CA SER B 232 15.43 23.71 8.51
C SER B 232 13.91 23.72 8.58
N ASP B 233 13.28 23.35 7.45
CA ASP B 233 11.83 23.35 7.38
C ASP B 233 11.24 22.34 8.35
N ILE B 234 10.10 22.69 8.93
CA ILE B 234 9.40 21.83 9.88
C ILE B 234 8.38 20.99 9.11
N ASN B 235 8.43 19.67 9.32
CA ASN B 235 7.55 18.75 8.62
C ASN B 235 6.48 18.15 9.52
N ALA B 236 6.72 18.07 10.84
CA ALA B 236 5.79 17.45 11.76
C ALA B 236 5.56 18.37 12.95
N ILE B 237 4.35 18.28 13.51
CA ILE B 237 3.98 19.04 14.70
C ILE B 237 2.86 18.30 15.41
N CYS B 238 2.93 18.29 16.74
CA CYS B 238 1.93 17.61 17.55
C CYS B 238 1.83 18.27 18.91
N PHE B 239 0.60 18.38 19.42
CA PHE B 239 0.36 19.01 20.70
C PHE B 239 0.68 18.05 21.84
N PHE B 240 1.16 18.62 22.95
CA PHE B 240 1.37 17.85 24.16
C PHE B 240 0.01 17.43 24.74
N PRO B 241 -0.08 16.27 25.38
CA PRO B 241 -1.38 15.83 25.92
C PRO B 241 -2.03 16.85 26.85
N ASN B 242 -1.22 17.54 27.66
CA ASN B 242 -1.78 18.59 28.52
C ASN B 242 -2.38 19.72 27.69
N GLY B 243 -1.88 19.92 26.47
CA GLY B 243 -2.37 20.97 25.60
C GLY B 243 -1.64 22.30 25.73
N ASN B 244 -0.72 22.42 26.69
CA ASN B 244 0.03 23.65 26.90
C ASN B 244 1.35 23.68 26.15
N ALA B 245 1.70 22.61 25.43
CA ALA B 245 2.97 22.56 24.73
C ALA B 245 2.84 21.67 23.50
N PHE B 246 3.86 21.76 22.63
CA PHE B 246 3.90 20.97 21.41
C PHE B 246 5.35 20.77 21.00
N ALA B 247 5.56 19.80 20.13
CA ALA B 247 6.88 19.49 19.59
C ALA B 247 6.84 19.51 18.07
N THR B 248 7.98 19.84 17.47
CA THR B 248 8.09 19.98 16.02
C THR B 248 9.27 19.15 15.52
N GLY B 249 9.19 18.75 14.25
CA GLY B 249 10.25 17.99 13.63
C GLY B 249 10.66 18.58 12.29
N SER B 250 11.96 18.67 12.05
CA SER B 250 12.51 19.27 10.85
C SER B 250 13.51 18.32 10.22
N ASP B 251 14.09 18.74 9.09
CA ASP B 251 15.03 17.92 8.34
C ASP B 251 16.44 17.93 8.93
N ASP B 252 16.70 18.77 9.93
CA ASP B 252 18.02 18.88 10.53
C ASP B 252 18.27 17.82 11.60
N ALA B 253 17.49 16.74 11.62
CA ALA B 253 17.72 15.61 12.53
C ALA B 253 17.60 16.01 14.00
N THR B 254 16.68 16.91 14.32
CA THR B 254 16.46 17.32 15.70
C THR B 254 14.98 17.62 15.92
N CYS B 255 14.48 17.19 17.07
CA CYS B 255 13.13 17.51 17.51
C CYS B 255 13.19 18.51 18.65
N ARG B 256 12.42 19.59 18.55
CA ARG B 256 12.41 20.66 19.53
C ARG B 256 11.04 20.74 20.18
N LEU B 257 11.03 20.84 21.50
CA LEU B 257 9.81 20.94 22.29
C LEU B 257 9.54 22.41 22.61
N PHE B 258 8.40 22.91 22.14
CA PHE B 258 7.99 24.29 22.39
C PHE B 258 6.71 24.30 23.21
N ASP B 259 6.72 25.10 24.27
CA ASP B 259 5.56 25.25 25.14
C ASP B 259 4.93 26.61 24.91
N LEU B 260 3.60 26.64 24.80
CA LEU B 260 2.90 27.85 24.41
C LEU B 260 3.20 29.00 25.38
N ARG B 261 3.36 28.70 26.66
CA ARG B 261 3.48 29.75 27.66
C ARG B 261 4.87 30.39 27.66
N ALA B 262 5.93 29.58 27.63
CA ALA B 262 7.28 30.12 27.72
C ALA B 262 7.75 30.80 26.43
N ASP B 263 7.18 30.44 25.29
CA ASP B 263 7.57 31.03 24.01
C ASP B 263 9.07 30.84 23.77
N GLN B 264 9.56 29.66 24.15
CA GLN B 264 10.97 29.34 23.98
C GLN B 264 11.16 27.84 24.03
N GLU B 265 12.28 27.37 23.51
CA GLU B 265 12.58 25.95 23.51
C GLU B 265 12.86 25.47 24.93
N LEU B 266 12.29 24.32 25.28
CA LEU B 266 12.52 23.72 26.59
C LEU B 266 13.63 22.68 26.55
N MET B 267 13.61 21.80 25.55
CA MET B 267 14.59 20.74 25.43
C MET B 267 14.70 20.33 23.97
N THR B 268 15.88 19.80 23.61
CA THR B 268 16.17 19.40 22.24
C THR B 268 16.48 17.91 22.21
N TYR B 269 15.84 17.20 21.28
CA TYR B 269 16.05 15.77 21.08
C TYR B 269 16.81 15.56 19.78
N SER B 270 18.04 15.08 19.89
CA SER B 270 18.87 14.82 18.72
C SER B 270 19.97 13.85 19.11
N HIS B 271 20.52 13.18 18.09
CA HIS B 271 21.61 12.22 18.27
C HIS B 271 22.65 12.48 17.18
N ASP B 272 23.93 12.37 17.55
CA ASP B 272 24.99 12.76 16.63
C ASP B 272 24.95 11.93 15.35
N ASN B 273 24.75 10.62 15.46
CA ASN B 273 24.82 9.74 14.30
C ASN B 273 23.65 9.93 13.33
N ILE B 274 22.56 10.55 13.77
CA ILE B 274 21.41 10.78 12.90
C ILE B 274 21.68 12.03 12.06
N ILE B 275 21.59 11.88 10.74
CA ILE B 275 21.82 12.99 9.82
C ILE B 275 20.62 13.16 8.91
N CYS B 276 19.65 12.26 9.01
CA CYS B 276 18.47 12.27 8.16
C CYS B 276 17.38 13.14 8.77
N GLY B 277 16.34 13.40 7.97
CA GLY B 277 15.24 14.23 8.40
C GLY B 277 14.23 13.45 9.23
N ILE B 278 13.24 14.20 9.73
CA ILE B 278 12.18 13.66 10.58
C ILE B 278 10.85 13.89 9.87
N THR B 279 10.04 12.83 9.77
CA THR B 279 8.79 12.87 9.02
C THR B 279 7.58 13.17 9.90
N SER B 280 7.42 12.42 10.99
CA SER B 280 6.23 12.55 11.84
C SER B 280 6.65 12.48 13.30
N VAL B 281 5.85 13.11 14.15
CA VAL B 281 6.07 13.17 15.59
C VAL B 281 4.75 12.93 16.30
N SER B 282 4.80 12.22 17.42
CA SER B 282 3.60 11.92 18.20
C SER B 282 3.97 11.79 19.66
N PHE B 283 2.96 11.97 20.52
CA PHE B 283 3.11 11.90 21.97
C PHE B 283 2.34 10.72 22.54
N SER B 284 2.81 10.23 23.67
CA SER B 284 2.09 9.19 24.40
C SER B 284 0.88 9.79 25.10
N LYS B 285 0.02 8.91 25.63
CA LYS B 285 -1.19 9.38 26.31
C LYS B 285 -0.83 10.28 27.48
N SER B 286 0.14 9.88 28.30
CA SER B 286 0.58 10.68 29.43
C SER B 286 1.64 11.70 29.05
N GLY B 287 2.16 11.65 27.84
CA GLY B 287 3.20 12.57 27.41
C GLY B 287 4.58 12.25 27.91
N ARG B 288 4.76 11.12 28.60
CA ARG B 288 6.06 10.80 29.16
C ARG B 288 7.08 10.48 28.07
N LEU B 289 6.64 9.86 26.97
CA LEU B 289 7.50 9.44 25.88
C LEU B 289 7.18 10.21 24.61
N LEU B 290 8.20 10.45 23.81
CA LEU B 290 8.06 11.14 22.53
C LEU B 290 8.50 10.21 21.42
N LEU B 291 7.64 10.03 20.42
CA LEU B 291 7.91 9.17 19.28
C LEU B 291 8.03 10.01 18.01
N ALA B 292 9.12 9.80 17.27
CA ALA B 292 9.36 10.54 16.04
C ALA B 292 9.84 9.57 14.97
N GLY B 293 9.38 9.78 13.74
CA GLY B 293 9.77 8.97 12.61
C GLY B 293 10.93 9.61 11.86
N TYR B 294 11.81 8.75 11.32
CA TYR B 294 13.01 9.19 10.63
C TYR B 294 13.09 8.54 9.26
N ASP B 295 13.82 9.18 8.36
CA ASP B 295 13.99 8.66 7.01
C ASP B 295 14.89 7.44 6.96
N ASP B 296 15.55 7.08 8.05
CA ASP B 296 16.46 5.94 8.09
C ASP B 296 15.72 4.62 8.33
N PHE B 297 14.42 4.57 8.07
CA PHE B 297 13.60 3.36 8.02
C PHE B 297 13.19 2.85 9.40
N ASN B 298 13.39 3.61 10.47
CA ASN B 298 12.95 3.17 11.79
C ASN B 298 12.50 4.37 12.60
N CYS B 299 11.69 4.09 13.63
CA CYS B 299 11.17 5.11 14.53
C CYS B 299 11.90 5.04 15.86
N ASN B 300 12.22 6.22 16.41
CA ASN B 300 12.97 6.32 17.66
C ASN B 300 12.07 6.90 18.74
N VAL B 301 12.12 6.30 19.93
CA VAL B 301 11.38 6.76 21.08
C VAL B 301 12.31 7.61 21.94
N TRP B 302 11.88 8.83 22.25
CA TRP B 302 12.70 9.81 22.95
C TRP B 302 12.13 10.08 24.34
N ASP B 303 13.02 10.15 25.33
CA ASP B 303 12.62 10.52 26.69
C ASP B 303 12.26 11.99 26.71
N ALA B 304 10.97 12.28 26.91
CA ALA B 304 10.50 13.66 26.84
C ALA B 304 11.14 14.52 27.92
N LEU B 305 11.26 13.99 29.13
CA LEU B 305 11.77 14.77 30.26
C LEU B 305 13.28 14.70 30.41
N LYS B 306 13.96 13.86 29.63
CA LYS B 306 15.42 13.75 29.72
C LYS B 306 16.14 13.71 28.40
N ALA B 307 15.43 13.58 27.27
CA ALA B 307 15.99 13.54 25.92
C ALA B 307 16.78 12.26 25.64
N ASP B 308 16.89 11.35 26.60
CA ASP B 308 17.60 10.10 26.38
C ASP B 308 16.76 9.17 25.51
N ARG B 309 17.44 8.43 24.64
CA ARG B 309 16.74 7.48 23.77
C ARG B 309 16.19 6.33 24.60
N ALA B 310 14.91 6.01 24.40
CA ALA B 310 14.26 4.94 25.15
C ALA B 310 14.18 3.63 24.38
N GLY B 311 14.13 3.69 23.04
CA GLY B 311 14.05 2.49 22.25
C GLY B 311 14.01 2.83 20.78
N VAL B 312 14.05 1.77 19.96
CA VAL B 312 14.02 1.91 18.51
C VAL B 312 12.98 0.93 17.97
N LEU B 313 12.13 1.40 17.07
CA LEU B 313 11.11 0.59 16.42
C LEU B 313 11.55 0.37 14.97
N ALA B 314 12.30 -0.71 14.76
CA ALA B 314 12.82 -1.05 13.44
C ALA B 314 12.03 -2.20 12.82
N GLY B 315 12.12 -2.30 11.50
CA GLY B 315 11.42 -3.33 10.77
C GLY B 315 10.90 -2.87 9.43
N HIS B 316 10.77 -1.56 9.26
CA HIS B 316 10.30 -1.00 8.00
C HIS B 316 11.40 -1.04 6.95
N ASP B 317 11.02 -1.36 5.72
CA ASP B 317 11.95 -1.48 4.62
C ASP B 317 12.10 -0.19 3.82
N ASN B 318 11.37 0.88 4.19
CA ASN B 318 11.45 2.14 3.47
C ASN B 318 11.21 3.27 4.47
N ARG B 319 11.15 4.49 3.94
CA ARG B 319 10.99 5.66 4.78
C ARG B 319 9.71 5.58 5.59
N VAL B 320 9.81 5.94 6.87
CA VAL B 320 8.64 6.05 7.74
C VAL B 320 8.03 7.43 7.55
N SER B 321 6.81 7.49 7.04
CA SER B 321 6.18 8.75 6.68
C SER B 321 5.20 9.25 7.72
N CYS B 322 4.42 8.36 8.34
CA CYS B 322 3.39 8.80 9.28
C CYS B 322 3.30 7.80 10.42
N LEU B 323 2.83 8.28 11.57
CA LEU B 323 2.60 7.43 12.73
C LEU B 323 1.62 8.15 13.65
N GLY B 324 1.00 7.38 14.54
CA GLY B 324 0.04 7.95 15.48
C GLY B 324 -0.19 7.01 16.63
N VAL B 325 -0.52 7.60 17.78
CA VAL B 325 -0.82 6.84 18.99
C VAL B 325 -2.32 6.85 19.20
N THR B 326 -2.85 5.72 19.68
CA THR B 326 -4.28 5.61 19.92
C THR B 326 -4.73 6.60 20.98
N ASP B 327 -6.03 6.90 20.99
CA ASP B 327 -6.57 7.83 21.97
C ASP B 327 -6.36 7.31 23.39
N ASP B 328 -6.57 6.01 23.59
CA ASP B 328 -6.34 5.40 24.89
C ASP B 328 -4.86 5.07 25.14
N GLY B 329 -4.01 5.23 24.13
CA GLY B 329 -2.60 4.94 24.30
C GLY B 329 -2.24 3.47 24.33
N MET B 330 -3.18 2.59 23.98
CA MET B 330 -2.91 1.16 24.06
C MET B 330 -1.80 0.75 23.10
N ALA B 331 -1.81 1.28 21.89
CA ALA B 331 -0.85 0.89 20.87
C ALA B 331 -0.54 2.07 19.97
N VAL B 332 0.57 1.96 19.25
CA VAL B 332 1.03 2.99 18.32
C VAL B 332 1.20 2.36 16.95
N ALA B 333 0.69 3.03 15.92
CA ALA B 333 0.76 2.55 14.55
C ALA B 333 1.71 3.43 13.75
N THR B 334 2.47 2.79 12.86
CA THR B 334 3.47 3.47 12.04
C THR B 334 3.25 3.13 10.57
N GLY B 335 3.37 4.13 9.72
CA GLY B 335 3.27 3.94 8.28
C GLY B 335 4.60 4.15 7.60
N SER B 336 4.77 3.58 6.41
CA SER B 336 6.04 3.68 5.69
C SER B 336 5.78 3.59 4.20
N TRP B 337 6.80 3.95 3.41
CA TRP B 337 6.69 4.00 1.96
C TRP B 337 6.70 2.62 1.31
N ASP B 338 6.97 1.56 2.06
CA ASP B 338 6.99 0.21 1.51
C ASP B 338 5.59 -0.40 1.39
N SER B 339 4.55 0.37 1.66
CA SER B 339 3.15 -0.03 1.52
C SER B 339 2.68 -0.91 2.67
N PHE B 340 3.45 -1.02 3.75
CA PHE B 340 3.07 -1.84 4.89
C PHE B 340 2.92 -0.95 6.12
N LEU B 341 1.86 -1.19 6.89
CA LEU B 341 1.59 -0.46 8.12
C LEU B 341 1.65 -1.43 9.29
N LYS B 342 2.39 -1.06 10.33
CA LYS B 342 2.62 -1.93 11.47
C LYS B 342 2.07 -1.27 12.74
N ILE B 343 1.56 -2.10 13.64
CA ILE B 343 1.04 -1.66 14.93
C ILE B 343 1.94 -2.23 16.02
N TRP B 344 2.40 -1.36 16.91
CA TRP B 344 3.33 -1.74 17.97
C TRP B 344 2.67 -1.59 19.33
N ASN B 345 3.05 -2.47 20.25
CA ASN B 345 2.50 -2.45 21.60
C ASN B 345 3.54 -2.93 22.61
N ALA C 7 3.70 47.35 -2.17
CA ALA C 7 3.50 46.15 -1.30
C ALA C 7 4.47 46.16 -0.13
N SER C 8 5.65 46.75 -0.33
CA SER C 8 6.65 46.77 0.73
C SER C 8 6.14 47.54 1.95
N ILE C 9 5.50 48.69 1.72
CA ILE C 9 5.03 49.50 2.83
C ILE C 9 3.98 48.73 3.64
N ALA C 10 3.02 48.12 2.94
CA ALA C 10 1.96 47.39 3.62
C ALA C 10 2.51 46.20 4.39
N GLN C 11 3.45 45.46 3.78
CA GLN C 11 4.03 44.31 4.47
C GLN C 11 4.80 44.74 5.71
N ALA C 12 5.59 45.80 5.60
CA ALA C 12 6.33 46.30 6.76
C ALA C 12 5.37 46.74 7.86
N ARG C 13 4.29 47.42 7.49
CA ARG C 13 3.30 47.81 8.49
C ARG C 13 2.75 46.58 9.19
N LYS C 14 2.13 45.67 8.42
CA LYS C 14 1.52 44.50 9.03
C LYS C 14 2.51 43.79 9.94
N LEU C 15 3.77 43.72 9.52
CA LEU C 15 4.80 43.11 10.36
C LEU C 15 4.98 43.86 11.67
N VAL C 16 4.99 45.20 11.62
CA VAL C 16 5.26 45.96 12.85
C VAL C 16 4.09 45.85 13.82
N GLU C 17 2.84 45.93 13.33
CA GLU C 17 1.72 45.69 14.24
C GLU C 17 1.74 44.25 14.77
N GLN C 18 2.08 43.27 13.95
CA GLN C 18 2.13 41.90 14.45
C GLN C 18 3.15 41.76 15.56
N LEU C 19 4.35 42.32 15.35
CA LEU C 19 5.40 42.25 16.38
C LEU C 19 4.97 42.99 17.64
N LYS C 20 4.37 44.16 17.49
CA LYS C 20 3.93 44.91 18.66
C LYS C 20 2.89 44.13 19.46
N MET C 21 1.94 43.51 18.77
CA MET C 21 0.91 42.73 19.47
C MET C 21 1.52 41.51 20.14
N GLU C 22 2.45 40.83 19.48
CA GLU C 22 3.07 39.66 20.09
C GLU C 22 3.91 40.04 21.30
N ALA C 23 4.53 41.22 21.28
CA ALA C 23 5.36 41.64 22.40
C ALA C 23 4.55 41.78 23.68
N ASN C 24 3.35 42.34 23.58
CA ASN C 24 2.50 42.59 24.75
C ASN C 24 1.73 41.31 25.10
N ILE C 25 2.42 40.42 25.82
CA ILE C 25 1.84 39.18 26.30
C ILE C 25 2.36 38.91 27.70
N ASP C 26 1.50 38.33 28.54
CA ASP C 26 1.88 38.01 29.90
C ASP C 26 3.05 37.03 29.91
N ARG C 27 3.95 37.21 30.89
CA ARG C 27 5.19 36.47 30.95
C ARG C 27 5.31 35.76 32.30
N ILE C 28 5.47 34.43 32.26
CA ILE C 28 5.73 33.63 33.44
C ILE C 28 7.09 32.97 33.29
N LYS C 29 7.49 32.24 34.34
CA LYS C 29 8.83 31.65 34.36
C LYS C 29 8.83 30.28 33.71
N VAL C 30 10.00 29.91 33.17
CA VAL C 30 10.16 28.60 32.53
C VAL C 30 10.10 27.49 33.56
N SER C 31 10.66 27.73 34.76
CA SER C 31 10.70 26.69 35.78
C SER C 31 9.30 26.25 36.17
N LYS C 32 8.37 27.19 36.29
CA LYS C 32 7.00 26.83 36.62
C LYS C 32 6.38 25.95 35.55
N ALA C 33 6.62 26.27 34.28
CA ALA C 33 6.10 25.44 33.19
C ALA C 33 6.70 24.04 33.24
N ALA C 34 8.00 23.94 33.49
CA ALA C 34 8.64 22.63 33.57
C ALA C 34 8.08 21.83 34.74
N ALA C 35 7.87 22.47 35.90
CA ALA C 35 7.30 21.79 37.04
C ALA C 35 5.89 21.30 36.75
N ASP C 36 5.09 22.13 36.07
CA ASP C 36 3.74 21.72 35.71
C ASP C 36 3.77 20.54 34.76
N LEU C 37 4.67 20.55 33.77
CA LEU C 37 4.78 19.43 32.85
C LEU C 37 5.18 18.15 33.59
N MET C 38 6.15 18.24 34.50
CA MET C 38 6.55 17.06 35.25
C MET C 38 5.40 16.55 36.12
N ALA C 39 4.66 17.45 36.76
CA ALA C 39 3.50 17.03 37.56
C ALA C 39 2.47 16.34 36.69
N TYR C 40 2.18 16.88 35.50
CA TYR C 40 1.23 16.23 34.61
C TYR C 40 1.72 14.85 34.17
N CYS C 41 3.01 14.75 33.87
CA CYS C 41 3.56 13.47 33.43
C CYS C 41 3.45 12.42 34.52
N GLU C 42 3.80 12.79 35.76
CA GLU C 42 3.78 11.83 36.85
C GLU C 42 2.35 11.50 37.28
N ALA C 43 1.43 12.47 37.14
CA ALA C 43 0.04 12.23 37.55
C ALA C 43 -0.59 11.13 36.72
N HIS C 44 -0.36 11.14 35.41
CA HIS C 44 -0.97 10.17 34.50
C HIS C 44 -0.02 9.03 34.13
N ALA C 45 1.14 8.95 34.77
CA ALA C 45 2.08 7.89 34.44
C ALA C 45 1.53 6.51 34.78
N LYS C 46 0.72 6.41 35.83
CA LYS C 46 0.18 5.13 36.26
C LYS C 46 -0.83 4.55 35.29
N GLU C 47 -1.36 5.34 34.36
CA GLU C 47 -2.37 4.89 33.41
C GLU C 47 -1.89 5.03 31.97
N ASP C 48 -0.60 4.80 31.73
CA ASP C 48 -0.04 4.84 30.39
C ASP C 48 0.33 3.44 29.95
N PRO C 49 -0.44 2.79 29.07
CA PRO C 49 -0.09 1.42 28.69
C PRO C 49 1.29 1.27 28.09
N LEU C 50 1.74 2.25 27.30
CA LEU C 50 3.06 2.16 26.68
C LEU C 50 4.17 2.21 27.73
N LEU C 51 4.06 3.16 28.68
CA LEU C 51 5.08 3.26 29.72
C LEU C 51 5.04 2.04 30.64
N THR C 52 3.86 1.57 30.99
CA THR C 52 3.66 0.40 31.86
C THR C 52 2.83 -0.63 31.10
N PRO C 53 3.48 -1.59 30.44
CA PRO C 53 2.72 -2.58 29.66
C PRO C 53 1.73 -3.32 30.55
N VAL C 54 0.52 -3.52 30.02
CA VAL C 54 -0.55 -4.20 30.74
C VAL C 54 -0.43 -5.71 30.52
N PRO C 55 -0.96 -6.54 31.41
CA PRO C 55 -0.92 -7.98 31.19
C PRO C 55 -1.83 -8.40 30.04
N ALA C 56 -1.61 -9.63 29.56
CA ALA C 56 -2.39 -10.14 28.44
C ALA C 56 -3.88 -10.20 28.75
N SER C 57 -4.25 -10.22 30.04
CA SER C 57 -5.66 -10.29 30.40
C SER C 57 -6.41 -9.05 29.92
N GLU C 58 -5.74 -7.91 29.82
CA GLU C 58 -6.37 -6.67 29.40
C GLU C 58 -5.88 -6.17 28.04
N ASN C 59 -4.71 -6.60 27.59
CA ASN C 59 -4.18 -6.15 26.31
C ASN C 59 -5.08 -6.64 25.18
N PRO C 60 -5.62 -5.75 24.33
CA PRO C 60 -6.48 -6.22 23.22
C PRO C 60 -5.71 -6.72 22.01
N PHE C 61 -4.41 -6.45 21.91
CA PHE C 61 -3.59 -6.90 20.79
C PHE C 61 -2.81 -8.13 21.24
N ARG C 62 -3.27 -9.30 20.83
CA ARG C 62 -2.65 -10.56 21.21
C ARG C 62 -2.72 -11.51 20.01
N GLU C 63 -2.42 -12.78 20.26
CA GLU C 63 -2.47 -13.78 19.19
C GLU C 63 -3.91 -14.02 18.75
N LYS C 64 -4.10 -14.15 17.44
CA LYS C 64 -5.43 -14.39 16.89
C LYS C 64 -5.79 -15.88 16.94
N VAL D 2 -34.08 3.67 -1.11
CA VAL D 2 -33.96 2.25 -0.69
C VAL D 2 -35.33 1.61 -0.67
N GLN D 3 -35.59 0.72 -1.63
CA GLN D 3 -36.87 0.05 -1.75
C GLN D 3 -36.66 -1.37 -2.22
N LEU D 4 -37.47 -2.30 -1.69
CA LEU D 4 -37.46 -3.69 -2.10
C LEU D 4 -38.88 -4.11 -2.45
N VAL D 5 -39.05 -4.72 -3.61
CA VAL D 5 -40.36 -5.12 -4.10
C VAL D 5 -40.28 -6.59 -4.47
N GLU D 6 -40.86 -7.45 -3.63
CA GLU D 6 -40.91 -8.88 -3.91
C GLU D 6 -41.99 -9.18 -4.95
N SER D 7 -41.80 -10.28 -5.68
CA SER D 7 -42.73 -10.70 -6.71
C SER D 7 -43.03 -12.19 -6.57
N GLY D 8 -44.20 -12.58 -7.04
CA GLY D 8 -44.63 -13.95 -6.98
C GLY D 8 -45.46 -14.26 -5.74
N GLY D 9 -46.27 -15.30 -5.84
CA GLY D 9 -47.14 -15.71 -4.76
C GLY D 9 -48.38 -16.39 -5.33
N GLY D 10 -49.50 -16.19 -4.63
CA GLY D 10 -50.76 -16.75 -5.05
C GLY D 10 -50.90 -18.22 -4.66
N LEU D 11 -51.95 -18.84 -5.18
CA LEU D 11 -52.23 -20.24 -4.89
C LEU D 11 -51.31 -21.15 -5.69
N VAL D 12 -50.62 -22.05 -5.00
CA VAL D 12 -49.74 -23.03 -5.64
C VAL D 12 -50.01 -24.38 -5.00
N GLN D 13 -50.15 -25.41 -5.83
CA GLN D 13 -50.45 -26.74 -5.32
C GLN D 13 -49.23 -27.32 -4.61
N PRO D 14 -49.44 -28.26 -3.69
CA PRO D 14 -48.29 -28.85 -2.98
C PRO D 14 -47.27 -29.48 -3.91
N GLY D 15 -47.72 -30.11 -4.99
CA GLY D 15 -46.83 -30.73 -5.94
C GLY D 15 -46.23 -29.81 -6.97
N GLY D 16 -46.63 -28.54 -6.98
CA GLY D 16 -46.12 -27.58 -7.93
C GLY D 16 -44.87 -26.89 -7.43
N SER D 17 -44.47 -25.85 -8.16
CA SER D 17 -43.30 -25.07 -7.81
C SER D 17 -43.55 -23.61 -8.15
N ARG D 18 -42.86 -22.73 -7.44
CA ARG D 18 -42.97 -21.29 -7.65
C ARG D 18 -41.59 -20.66 -7.52
N LYS D 19 -41.39 -19.54 -8.20
CA LYS D 19 -40.13 -18.81 -8.17
C LYS D 19 -40.42 -17.37 -7.79
N LEU D 20 -39.89 -16.93 -6.64
CA LEU D 20 -40.09 -15.58 -6.16
C LEU D 20 -38.92 -14.70 -6.54
N SER D 21 -39.22 -13.47 -6.93
CA SER D 21 -38.21 -12.50 -7.34
C SER D 21 -38.38 -11.21 -6.55
N CYS D 22 -37.24 -10.63 -6.14
CA CYS D 22 -37.23 -9.39 -5.39
C CYS D 22 -36.34 -8.39 -6.11
N SER D 23 -36.85 -7.18 -6.32
CA SER D 23 -36.13 -6.13 -7.03
C SER D 23 -35.51 -5.17 -6.02
N ALA D 24 -34.21 -4.96 -6.13
CA ALA D 24 -33.47 -4.08 -5.23
C ALA D 24 -33.06 -2.82 -5.98
N SER D 25 -33.32 -1.67 -5.38
CA SER D 25 -32.98 -0.38 -5.98
C SER D 25 -32.71 0.63 -4.88
N GLY D 26 -31.97 1.68 -5.24
CA GLY D 26 -31.65 2.74 -4.31
C GLY D 26 -30.48 2.46 -3.39
N PHE D 27 -29.79 1.34 -3.57
CA PHE D 27 -28.63 1.02 -2.75
C PHE D 27 -27.75 0.03 -3.49
N ALA D 28 -26.52 -0.11 -3.01
CA ALA D 28 -25.53 -1.01 -3.61
C ALA D 28 -25.90 -2.45 -3.23
N PHE D 29 -26.76 -3.05 -4.06
CA PHE D 29 -27.22 -4.42 -3.79
C PHE D 29 -26.05 -5.41 -3.78
N SER D 30 -24.99 -5.12 -4.54
CA SER D 30 -23.88 -6.05 -4.63
C SER D 30 -23.21 -6.26 -3.28
N SER D 31 -23.03 -5.17 -2.52
CA SER D 31 -22.31 -5.22 -1.25
C SER D 31 -23.20 -5.58 -0.06
N PHE D 32 -24.49 -5.80 -0.27
CA PHE D 32 -25.43 -6.09 0.80
C PHE D 32 -25.86 -7.54 0.76
N GLY D 33 -25.75 -8.23 1.90
CA GLY D 33 -26.29 -9.57 2.00
C GLY D 33 -27.79 -9.57 2.14
N MET D 34 -28.41 -10.67 1.70
CA MET D 34 -29.86 -10.79 1.66
C MET D 34 -30.32 -11.92 2.57
N HIS D 35 -31.50 -11.74 3.15
CA HIS D 35 -32.13 -12.74 4.00
C HIS D 35 -33.59 -12.88 3.60
N TRP D 36 -34.14 -14.06 3.89
CA TRP D 36 -35.56 -14.34 3.66
C TRP D 36 -36.17 -14.77 4.99
N VAL D 37 -37.28 -14.12 5.36
CA VAL D 37 -37.97 -14.40 6.62
C VAL D 37 -39.43 -14.68 6.31
N ARG D 38 -39.95 -15.79 6.83
CA ARG D 38 -41.34 -16.14 6.65
C ARG D 38 -42.16 -15.74 7.88
N GLN D 39 -43.45 -15.56 7.66
CA GLN D 39 -44.36 -15.19 8.75
C GLN D 39 -45.75 -15.75 8.40
N ALA D 40 -46.07 -16.91 8.98
CA ALA D 40 -47.37 -17.51 8.75
C ALA D 40 -48.45 -16.69 9.42
N PRO D 41 -49.71 -16.82 8.97
CA PRO D 41 -50.79 -16.03 9.56
C PRO D 41 -50.87 -16.23 11.06
N GLU D 42 -50.91 -15.12 11.80
CA GLU D 42 -50.98 -15.15 13.26
C GLU D 42 -49.87 -16.02 13.86
N LYS D 43 -48.67 -15.91 13.31
CA LYS D 43 -47.50 -16.63 13.80
C LYS D 43 -46.29 -15.70 13.80
N GLY D 44 -45.21 -16.18 14.42
CA GLY D 44 -43.99 -15.41 14.51
C GLY D 44 -43.11 -15.56 13.29
N LEU D 45 -41.99 -14.83 13.31
CA LEU D 45 -41.05 -14.84 12.21
C LEU D 45 -40.15 -16.08 12.29
N GLU D 46 -39.50 -16.38 11.17
CA GLU D 46 -38.57 -17.51 11.10
C GLU D 46 -37.62 -17.31 9.93
N TRP D 47 -36.32 -17.36 10.21
CA TRP D 47 -35.32 -17.17 9.16
C TRP D 47 -35.34 -18.34 8.19
N VAL D 48 -35.06 -18.03 6.92
CA VAL D 48 -35.10 -19.02 5.83
C VAL D 48 -33.72 -19.27 5.25
N ALA D 49 -33.08 -18.24 4.69
CA ALA D 49 -31.79 -18.41 4.04
C ALA D 49 -31.04 -17.09 4.05
N TYR D 50 -29.74 -17.17 3.77
CA TYR D 50 -28.88 -15.99 3.76
C TYR D 50 -27.80 -16.17 2.71
N ILE D 51 -27.47 -15.10 2.00
CA ILE D 51 -26.39 -15.08 1.02
C ILE D 51 -25.46 -13.93 1.36
N SER D 52 -24.16 -14.21 1.44
CA SER D 52 -23.17 -13.18 1.69
C SER D 52 -22.85 -12.44 0.40
N SER D 53 -22.13 -11.32 0.55
CA SER D 53 -21.73 -10.53 -0.61
C SER D 53 -20.89 -11.39 -1.56
N GLY D 54 -21.22 -11.31 -2.84
CA GLY D 54 -20.53 -12.10 -3.85
C GLY D 54 -20.98 -13.53 -3.97
N SER D 55 -22.02 -13.94 -3.25
CA SER D 55 -22.56 -15.29 -3.29
C SER D 55 -21.54 -16.32 -2.82
N GLY D 56 -20.56 -15.91 -2.01
CA GLY D 56 -19.55 -16.84 -1.53
C GLY D 56 -20.01 -17.76 -0.44
N THR D 57 -21.09 -17.41 0.28
CA THR D 57 -21.60 -18.22 1.36
C THR D 57 -23.12 -18.27 1.28
N ILE D 58 -23.69 -19.44 1.53
CA ILE D 58 -25.13 -19.65 1.51
C ILE D 58 -25.51 -20.54 2.68
N TYR D 59 -26.62 -20.20 3.34
CA TYR D 59 -27.14 -20.98 4.45
C TYR D 59 -28.62 -21.25 4.25
N TYR D 60 -29.07 -22.39 4.77
CA TYR D 60 -30.47 -22.78 4.71
C TYR D 60 -30.88 -23.32 6.08
N ALA D 61 -32.16 -23.13 6.40
CA ALA D 61 -32.69 -23.66 7.64
C ALA D 61 -32.81 -25.18 7.57
N ASP D 62 -32.84 -25.82 8.74
CA ASP D 62 -32.89 -27.28 8.79
C ASP D 62 -34.16 -27.81 8.13
N THR D 63 -35.26 -27.07 8.22
CA THR D 63 -36.53 -27.50 7.64
C THR D 63 -36.64 -27.17 6.15
N VAL D 64 -35.64 -26.52 5.57
CA VAL D 64 -35.70 -26.13 4.17
C VAL D 64 -34.42 -26.52 3.44
N LYS D 65 -33.45 -27.08 4.17
CA LYS D 65 -32.16 -27.38 3.58
C LYS D 65 -32.30 -28.37 2.43
N GLY D 66 -31.64 -28.05 1.31
CA GLY D 66 -31.66 -28.90 0.14
C GLY D 66 -32.89 -28.71 -0.73
N ARG D 67 -34.05 -28.57 -0.10
CA ARG D 67 -35.29 -28.44 -0.86
C ARG D 67 -35.32 -27.13 -1.66
N PHE D 68 -34.87 -26.03 -1.06
CA PHE D 68 -35.03 -24.72 -1.66
C PHE D 68 -33.70 -24.25 -2.23
N THR D 69 -33.75 -23.66 -3.42
CA THR D 69 -32.57 -23.12 -4.09
C THR D 69 -32.69 -21.61 -4.20
N ILE D 70 -31.62 -20.90 -3.85
CA ILE D 70 -31.58 -19.45 -3.86
C ILE D 70 -30.43 -19.00 -4.74
N SER D 71 -30.66 -17.95 -5.53
CA SER D 71 -29.66 -17.43 -6.46
C SER D 71 -29.63 -15.91 -6.35
N ARG D 72 -28.49 -15.34 -6.77
CA ARG D 72 -28.27 -13.90 -6.72
C ARG D 72 -27.79 -13.42 -8.08
N ASP D 73 -28.22 -12.20 -8.43
CA ASP D 73 -27.85 -11.58 -9.71
C ASP D 73 -27.50 -10.12 -9.44
N ASP D 74 -26.22 -9.86 -9.18
CA ASP D 74 -25.78 -8.51 -8.87
C ASP D 74 -26.03 -7.53 -10.01
N PRO D 75 -25.70 -7.84 -11.27
CA PRO D 75 -25.86 -6.84 -12.34
C PRO D 75 -27.27 -6.29 -12.45
N LYS D 76 -28.27 -7.15 -12.27
CA LYS D 76 -29.67 -6.74 -12.35
C LYS D 76 -30.22 -6.25 -11.02
N ASN D 77 -29.47 -6.43 -9.92
CA ASN D 77 -29.94 -6.04 -8.60
C ASN D 77 -31.26 -6.72 -8.26
N THR D 78 -31.36 -8.00 -8.60
CA THR D 78 -32.56 -8.80 -8.34
C THR D 78 -32.17 -10.07 -7.60
N LEU D 79 -33.00 -10.45 -6.63
CA LEU D 79 -32.79 -11.66 -5.84
C LEU D 79 -33.90 -12.65 -6.14
N PHE D 80 -33.52 -13.91 -6.37
CA PHE D 80 -34.45 -14.96 -6.75
C PHE D 80 -34.46 -16.06 -5.70
N LEU D 81 -35.63 -16.70 -5.55
CA LEU D 81 -35.81 -17.84 -4.66
C LEU D 81 -36.53 -18.92 -5.44
N GLN D 82 -35.79 -19.94 -5.87
CA GLN D 82 -36.38 -21.08 -6.57
C GLN D 82 -36.98 -22.02 -5.54
N MET D 83 -38.31 -22.04 -5.47
CA MET D 83 -39.05 -22.71 -4.41
C MET D 83 -39.59 -24.01 -5.02
N THR D 84 -38.76 -25.06 -4.98
CA THR D 84 -39.02 -26.25 -5.79
C THR D 84 -40.26 -27.00 -5.32
N SER D 85 -40.36 -27.27 -4.02
CA SER D 85 -41.43 -28.11 -3.49
C SER D 85 -42.19 -27.37 -2.41
N LEU D 86 -43.46 -27.73 -2.25
CA LEU D 86 -44.36 -27.05 -1.33
C LEU D 86 -45.14 -28.05 -0.50
N ARG D 87 -45.28 -27.73 0.78
CA ARG D 87 -46.14 -28.46 1.71
C ARG D 87 -47.17 -27.50 2.29
N SER D 88 -48.07 -28.03 3.11
CA SER D 88 -49.11 -27.20 3.71
C SER D 88 -48.51 -26.13 4.60
N GLU D 89 -47.48 -26.47 5.37
CA GLU D 89 -46.87 -25.53 6.31
C GLU D 89 -46.12 -24.40 5.62
N ASP D 90 -45.88 -24.51 4.31
CA ASP D 90 -45.11 -23.48 3.61
C ASP D 90 -45.88 -22.19 3.41
N THR D 91 -47.19 -22.17 3.69
CA THR D 91 -47.99 -20.97 3.51
C THR D 91 -47.55 -19.91 4.51
N ALA D 92 -47.06 -18.79 4.02
CA ALA D 92 -46.60 -17.70 4.88
C ALA D 92 -46.17 -16.54 4.00
N MET D 93 -46.06 -15.37 4.61
CA MET D 93 -45.58 -14.18 3.94
C MET D 93 -44.06 -14.12 3.99
N TYR D 94 -43.44 -13.85 2.85
CA TYR D 94 -41.99 -13.82 2.72
C TYR D 94 -41.51 -12.38 2.65
N TYR D 95 -40.50 -12.05 3.45
CA TYR D 95 -39.94 -10.71 3.52
C TYR D 95 -38.47 -10.75 3.16
N CYS D 96 -38.03 -9.80 2.34
CA CYS D 96 -36.62 -9.66 2.00
C CYS D 96 -35.99 -8.59 2.90
N VAL D 97 -34.84 -8.93 3.47
CA VAL D 97 -34.19 -8.09 4.47
C VAL D 97 -32.76 -7.82 4.04
N ARG D 98 -32.34 -6.55 4.09
CA ARG D 98 -30.97 -6.18 3.83
C ARG D 98 -30.08 -6.61 5.00
N SER D 99 -28.79 -6.75 4.71
CA SER D 99 -27.83 -7.11 5.75
C SER D 99 -26.42 -6.83 5.24
N ILE D 100 -25.66 -6.03 5.98
CA ILE D 100 -24.26 -5.74 5.68
C ILE D 100 -23.46 -5.96 6.95
N TYR D 101 -22.35 -6.68 6.85
CA TYR D 101 -21.58 -7.12 8.01
C TYR D 101 -20.21 -6.44 7.99
N TYR D 102 -20.03 -5.47 8.88
CA TYR D 102 -18.73 -4.87 9.14
C TYR D 102 -18.80 -4.17 10.49
N TYR D 103 -17.63 -3.84 11.03
CA TYR D 103 -17.59 -3.22 12.35
C TYR D 103 -18.43 -1.96 12.37
N GLY D 104 -19.34 -1.88 13.33
CA GLY D 104 -20.26 -0.76 13.44
C GLY D 104 -21.48 -0.85 12.55
N SER D 105 -21.62 -1.91 11.77
CA SER D 105 -22.76 -2.06 10.87
C SER D 105 -24.02 -2.39 11.67
N SER D 106 -25.17 -2.20 11.01
CA SER D 106 -26.48 -2.46 11.61
C SER D 106 -27.25 -3.38 10.66
N PRO D 107 -26.99 -4.68 10.70
CA PRO D 107 -27.70 -5.60 9.80
C PRO D 107 -29.17 -5.69 10.15
N PHE D 108 -29.95 -6.16 9.17
CA PHE D 108 -31.41 -6.26 9.30
C PHE D 108 -32.05 -4.89 9.52
N ASP D 109 -31.41 -3.84 9.02
CA ASP D 109 -31.93 -2.49 9.24
C ASP D 109 -33.16 -2.22 8.38
N PHE D 110 -33.15 -2.66 7.13
CA PHE D 110 -34.23 -2.41 6.19
C PHE D 110 -34.91 -3.71 5.82
N TRP D 111 -36.25 -3.71 5.87
CA TRP D 111 -37.06 -4.87 5.54
C TRP D 111 -37.98 -4.52 4.38
N GLY D 112 -38.07 -5.42 3.41
CA GLY D 112 -38.93 -5.18 2.26
C GLY D 112 -40.40 -5.35 2.60
N GLN D 113 -41.24 -4.92 1.64
CA GLN D 113 -42.68 -5.03 1.83
C GLN D 113 -43.10 -6.49 1.95
N GLY D 114 -42.52 -7.36 1.13
CA GLY D 114 -42.84 -8.78 1.17
C GLY D 114 -44.00 -9.14 0.27
N THR D 115 -44.20 -10.45 0.13
CA THR D 115 -45.27 -11.01 -0.67
C THR D 115 -45.97 -12.12 0.10
N THR D 116 -47.25 -12.33 -0.21
CA THR D 116 -48.06 -13.34 0.45
C THR D 116 -48.20 -14.54 -0.49
N LEU D 117 -47.83 -15.72 0.01
CA LEU D 117 -47.92 -16.96 -0.75
C LEU D 117 -48.76 -17.95 0.02
N THR D 118 -49.71 -18.57 -0.65
CA THR D 118 -50.62 -19.54 -0.04
C THR D 118 -50.51 -20.87 -0.76
N VAL D 119 -50.54 -21.96 0.00
CA VAL D 119 -50.44 -23.31 -0.53
C VAL D 119 -51.75 -24.03 -0.23
N SER D 120 -52.37 -24.60 -1.26
CA SER D 120 -53.63 -25.31 -1.10
C SER D 120 -53.44 -26.56 -0.27
N SER D 136 -27.69 -27.65 19.69
CA SER D 136 -28.80 -27.48 18.76
C SER D 136 -29.16 -26.01 18.61
N ASP D 137 -30.28 -25.74 17.95
CA ASP D 137 -30.72 -24.36 17.76
C ASP D 137 -31.02 -23.71 19.09
N ILE D 138 -30.67 -22.42 19.20
CA ILE D 138 -30.92 -21.68 20.43
C ILE D 138 -32.40 -21.35 20.52
N VAL D 139 -33.02 -21.73 21.64
CA VAL D 139 -34.45 -21.51 21.83
C VAL D 139 -34.67 -20.10 22.34
N MET D 140 -35.53 -19.35 21.66
CA MET D 140 -35.90 -17.99 22.05
C MET D 140 -37.36 -17.98 22.47
N THR D 141 -37.63 -17.49 23.68
CA THR D 141 -38.98 -17.48 24.24
C THR D 141 -39.27 -16.12 24.85
N GLN D 142 -40.56 -15.75 24.82
CA GLN D 142 -41.05 -14.54 25.45
C GLN D 142 -42.26 -14.89 26.29
N ALA D 143 -42.15 -14.69 27.60
CA ALA D 143 -43.23 -15.09 28.50
C ALA D 143 -44.50 -14.31 28.23
N THR D 144 -44.37 -13.00 28.00
CA THR D 144 -45.52 -12.13 27.80
C THR D 144 -45.93 -12.12 26.34
N SER D 145 -47.21 -12.39 26.08
CA SER D 145 -47.78 -12.34 24.73
C SER D 145 -48.53 -11.04 24.46
N SER D 146 -49.37 -10.62 25.40
CA SER D 146 -50.14 -9.39 25.29
C SER D 146 -49.96 -8.56 26.56
N VAL D 147 -49.69 -7.27 26.37
CA VAL D 147 -49.46 -6.36 27.49
C VAL D 147 -50.31 -5.11 27.31
N PRO D 148 -51.61 -5.15 27.60
CA PRO D 148 -52.43 -3.95 27.47
C PRO D 148 -51.89 -2.82 28.34
N VAL D 149 -51.92 -1.60 27.80
CA VAL D 149 -51.43 -0.42 28.51
C VAL D 149 -51.91 0.83 27.79
N THR D 150 -52.17 1.89 28.56
CA THR D 150 -52.63 3.15 28.00
C THR D 150 -51.46 3.97 27.49
N PRO D 151 -51.71 4.92 26.58
CA PRO D 151 -50.62 5.75 26.06
C PRO D 151 -49.94 6.55 27.17
N GLY D 152 -48.63 6.75 27.01
CA GLY D 152 -47.86 7.54 27.95
C GLY D 152 -47.15 6.71 29.00
N GLU D 153 -47.82 5.69 29.50
CA GLU D 153 -47.24 4.84 30.53
C GLU D 153 -46.07 4.03 29.96
N SER D 154 -45.03 3.87 30.77
CA SER D 154 -43.88 3.09 30.36
C SER D 154 -44.24 1.62 30.25
N VAL D 155 -43.61 0.95 29.28
CA VAL D 155 -43.85 -0.46 29.00
C VAL D 155 -42.51 -1.18 28.91
N SER D 156 -42.45 -2.38 29.47
CA SER D 156 -41.24 -3.19 29.46
C SER D 156 -41.54 -4.55 28.86
N ILE D 157 -40.63 -5.01 28.00
CA ILE D 157 -40.74 -6.32 27.35
C ILE D 157 -39.46 -7.09 27.61
N SER D 158 -39.61 -8.35 28.02
CA SER D 158 -38.49 -9.20 28.39
C SER D 158 -38.41 -10.42 27.48
N CYS D 159 -37.19 -10.77 27.10
CA CYS D 159 -36.93 -11.96 26.28
C CYS D 159 -35.80 -12.75 26.90
N ARG D 160 -35.80 -14.06 26.67
CA ARG D 160 -34.80 -14.96 27.24
C ARG D 160 -34.34 -15.94 26.17
N SER D 161 -33.11 -16.41 26.33
CA SER D 161 -32.51 -17.37 25.41
C SER D 161 -31.98 -18.56 26.19
N SER D 162 -31.98 -19.72 25.53
CA SER D 162 -31.52 -20.94 26.18
C SER D 162 -30.00 -21.00 26.31
N LYS D 163 -29.27 -20.18 25.56
CA LYS D 163 -27.82 -20.15 25.60
C LYS D 163 -27.35 -18.72 25.69
N SER D 164 -26.25 -18.51 26.42
CA SER D 164 -25.70 -17.17 26.57
C SER D 164 -25.28 -16.62 25.21
N LEU D 165 -25.67 -15.38 24.94
CA LEU D 165 -25.35 -14.72 23.68
C LEU D 165 -24.08 -13.88 23.76
N LEU D 166 -23.41 -13.85 24.92
CA LEU D 166 -22.21 -13.05 25.09
C LEU D 166 -21.02 -13.81 24.51
N HIS D 167 -20.50 -13.33 23.38
CA HIS D 167 -19.35 -13.94 22.76
C HIS D 167 -18.07 -13.46 23.43
N SER D 168 -16.99 -14.20 23.20
CA SER D 168 -15.69 -13.84 23.79
C SER D 168 -15.23 -12.45 23.35
N ASN D 169 -15.72 -11.96 22.22
CA ASN D 169 -15.33 -10.64 21.75
C ASN D 169 -15.85 -9.50 22.62
N GLY D 170 -16.79 -9.78 23.52
CA GLY D 170 -17.32 -8.78 24.42
C GLY D 170 -18.63 -8.15 24.01
N ASN D 171 -19.31 -8.69 23.01
CA ASN D 171 -20.59 -8.16 22.57
C ASN D 171 -21.61 -9.29 22.47
N THR D 172 -22.87 -8.94 22.72
CA THR D 172 -23.97 -9.90 22.67
C THR D 172 -24.75 -9.73 21.38
N TYR D 173 -25.02 -10.84 20.69
CA TYR D 173 -25.71 -10.81 19.40
C TYR D 173 -27.21 -10.95 19.65
N LEU D 174 -27.85 -9.82 19.96
CA LEU D 174 -29.29 -9.76 20.17
C LEU D 174 -29.87 -8.63 19.35
N TYR D 175 -31.05 -8.86 18.79
CA TYR D 175 -31.74 -7.88 17.96
C TYR D 175 -33.18 -7.75 18.40
N TRP D 176 -33.75 -6.56 18.20
CA TRP D 176 -35.14 -6.26 18.50
C TRP D 176 -35.82 -5.73 17.25
N PHE D 177 -36.98 -6.29 16.92
CA PHE D 177 -37.74 -5.90 15.75
C PHE D 177 -39.17 -5.59 16.13
N LEU D 178 -39.72 -4.53 15.56
CA LEU D 178 -41.10 -4.11 15.80
C LEU D 178 -41.85 -4.13 14.49
N GLN D 179 -43.00 -4.82 14.47
CA GLN D 179 -43.84 -4.94 13.29
C GLN D 179 -45.19 -4.30 13.59
N ARG D 180 -45.42 -3.11 13.06
CA ARG D 180 -46.69 -2.44 13.22
C ARG D 180 -47.75 -3.11 12.33
N PRO D 181 -49.03 -2.92 12.66
CA PRO D 181 -50.08 -3.52 11.83
C PRO D 181 -49.96 -3.07 10.37
N GLY D 182 -50.09 -4.03 9.46
CA GLY D 182 -50.00 -3.71 8.04
C GLY D 182 -48.65 -3.21 7.60
N GLN D 183 -47.61 -3.41 8.40
CA GLN D 183 -46.27 -2.93 8.09
C GLN D 183 -45.25 -4.02 8.37
N SER D 184 -44.15 -3.99 7.62
CA SER D 184 -43.10 -4.98 7.80
C SER D 184 -42.30 -4.68 9.06
N PRO D 185 -41.58 -5.67 9.59
CA PRO D 185 -40.79 -5.43 10.80
C PRO D 185 -39.74 -4.36 10.58
N GLN D 186 -39.48 -3.58 11.64
CA GLN D 186 -38.52 -2.50 11.62
C GLN D 186 -37.51 -2.70 12.74
N LEU D 187 -36.23 -2.60 12.41
CA LEU D 187 -35.18 -2.77 13.40
C LEU D 187 -35.19 -1.61 14.40
N LEU D 188 -35.00 -1.94 15.67
CA LEU D 188 -34.98 -0.95 16.74
C LEU D 188 -33.62 -0.90 17.45
N ILE D 189 -33.12 -2.06 17.90
CA ILE D 189 -31.89 -2.13 18.66
C ILE D 189 -31.07 -3.31 18.16
N TYR D 190 -29.75 -3.13 18.08
CA TYR D 190 -28.85 -4.17 17.56
C TYR D 190 -27.61 -4.26 18.42
N ARG D 191 -27.38 -5.43 18.99
CA ARG D 191 -26.13 -5.79 19.66
C ARG D 191 -25.63 -4.69 20.61
N MET D 192 -26.37 -4.46 21.70
CA MET D 192 -27.69 -5.03 21.97
C MET D 192 -28.55 -3.95 22.63
N SER D 193 -28.01 -2.73 22.69
CA SER D 193 -28.73 -1.56 23.19
C SER D 193 -28.56 -0.35 22.29
N ASN D 194 -27.73 -0.43 21.25
CA ASN D 194 -27.52 0.69 20.35
C ASN D 194 -28.80 0.99 19.58
N LEU D 195 -29.13 2.28 19.48
CA LEU D 195 -30.34 2.68 18.79
C LEU D 195 -30.12 2.64 17.28
N ALA D 196 -31.06 2.01 16.56
CA ALA D 196 -30.99 1.99 15.11
C ALA D 196 -31.27 3.38 14.56
N SER D 197 -30.67 3.66 13.40
CA SER D 197 -30.82 4.98 12.78
C SER D 197 -32.28 5.24 12.44
N GLY D 198 -32.73 6.47 12.71
CA GLY D 198 -34.08 6.88 12.41
C GLY D 198 -35.11 6.50 13.46
N VAL D 199 -34.69 5.91 14.58
CA VAL D 199 -35.62 5.49 15.63
C VAL D 199 -35.57 6.51 16.76
N PRO D 200 -36.69 6.80 17.44
CA PRO D 200 -36.63 7.75 18.56
C PRO D 200 -35.82 7.20 19.72
N ASP D 201 -35.30 8.13 20.52
CA ASP D 201 -34.49 7.77 21.69
C ASP D 201 -35.31 7.16 22.81
N ARG D 202 -36.62 7.00 22.64
CA ARG D 202 -37.44 6.43 23.70
C ARG D 202 -37.03 5.00 24.02
N PHE D 203 -36.77 4.20 22.99
CA PHE D 203 -36.44 2.79 23.18
C PHE D 203 -35.06 2.64 23.79
N SER D 204 -34.92 1.67 24.70
CA SER D 204 -33.64 1.36 25.33
C SER D 204 -33.62 -0.12 25.67
N GLY D 205 -32.46 -0.74 25.46
CA GLY D 205 -32.29 -2.17 25.71
C GLY D 205 -31.26 -2.42 26.80
N SER D 206 -31.44 -3.53 27.51
CA SER D 206 -30.53 -3.91 28.57
C SER D 206 -30.62 -5.41 28.79
N GLY D 207 -29.62 -5.96 29.45
CA GLY D 207 -29.58 -7.39 29.74
C GLY D 207 -28.21 -7.80 30.19
N SER D 208 -28.08 -9.10 30.47
CA SER D 208 -26.81 -9.66 30.91
C SER D 208 -26.82 -11.16 30.65
N GLY D 209 -26.00 -11.59 29.69
CA GLY D 209 -25.80 -13.01 29.44
C GLY D 209 -26.96 -13.69 28.74
N THR D 210 -28.08 -13.85 29.44
CA THR D 210 -29.25 -14.54 28.90
C THR D 210 -30.55 -13.80 29.11
N ALA D 211 -30.64 -12.89 30.08
CA ALA D 211 -31.86 -12.14 30.36
C ALA D 211 -31.73 -10.76 29.74
N PHE D 212 -32.69 -10.39 28.89
CA PHE D 212 -32.71 -9.10 28.23
C PHE D 212 -34.10 -8.50 28.34
N THR D 213 -34.16 -7.16 28.32
CA THR D 213 -35.42 -6.45 28.46
C THR D 213 -35.39 -5.20 27.60
N LEU D 214 -36.54 -4.87 27.00
CA LEU D 214 -36.71 -3.67 26.21
C LEU D 214 -37.66 -2.73 26.96
N THR D 215 -37.24 -1.48 27.13
CA THR D 215 -37.99 -0.50 27.89
C THR D 215 -38.27 0.73 27.04
N ILE D 216 -39.44 1.32 27.25
CA ILE D 216 -39.87 2.52 26.55
C ILE D 216 -40.13 3.60 27.59
N SER D 217 -39.51 4.77 27.40
CA SER D 217 -39.69 5.86 28.36
C SER D 217 -41.14 6.29 28.42
N ARG D 218 -41.80 6.42 27.27
CA ARG D 218 -43.21 6.79 27.21
C ARG D 218 -43.80 6.25 25.93
N LEU D 219 -44.94 5.58 26.03
CA LEU D 219 -45.57 4.96 24.88
C LEU D 219 -46.43 5.97 24.12
N GLU D 220 -46.35 5.89 22.80
CA GLU D 220 -47.13 6.74 21.91
C GLU D 220 -47.99 5.88 21.01
N ALA D 221 -48.95 6.51 20.34
CA ALA D 221 -49.85 5.78 19.47
C ALA D 221 -49.12 5.05 18.35
N GLU D 222 -47.93 5.50 17.99
CA GLU D 222 -47.15 4.86 16.93
C GLU D 222 -46.39 3.63 17.42
N ASP D 223 -46.37 3.37 18.72
CA ASP D 223 -45.64 2.23 19.28
C ASP D 223 -46.46 0.94 19.29
N VAL D 224 -47.72 1.00 18.86
CA VAL D 224 -48.55 -0.20 18.84
C VAL D 224 -48.00 -1.19 17.82
N GLY D 225 -47.79 -2.41 18.25
CA GLY D 225 -47.24 -3.43 17.37
C GLY D 225 -46.78 -4.64 18.17
N VAL D 226 -46.06 -5.52 17.47
CA VAL D 226 -45.53 -6.75 18.05
C VAL D 226 -44.01 -6.66 18.03
N TYR D 227 -43.38 -6.94 19.16
CA TYR D 227 -41.94 -6.87 19.32
C TYR D 227 -41.34 -8.28 19.30
N TYR D 228 -40.33 -8.48 18.46
CA TYR D 228 -39.68 -9.78 18.30
C TYR D 228 -38.23 -9.66 18.73
N CYS D 229 -37.77 -10.63 19.52
CA CYS D 229 -36.38 -10.72 19.94
C CYS D 229 -35.69 -11.81 19.15
N MET D 230 -34.57 -11.45 18.51
CA MET D 230 -33.84 -12.35 17.62
C MET D 230 -32.38 -12.43 18.05
N GLN D 231 -31.79 -13.61 17.88
CA GLN D 231 -30.40 -13.84 18.18
C GLN D 231 -29.63 -14.12 16.90
N HIS D 232 -28.38 -13.65 16.85
CA HIS D 232 -27.52 -13.82 15.69
C HIS D 232 -26.16 -14.41 16.07
N LEU D 233 -26.10 -15.09 17.22
CA LEU D 233 -24.85 -15.68 17.65
C LEU D 233 -24.39 -16.78 16.69
N GLU D 234 -25.32 -17.63 16.26
CA GLU D 234 -25.00 -18.72 15.36
C GLU D 234 -26.24 -19.10 14.56
N TYR D 235 -26.01 -19.59 13.34
CA TYR D 235 -27.11 -20.00 12.49
C TYR D 235 -27.64 -21.37 12.94
N PRO D 236 -28.91 -21.67 12.67
CA PRO D 236 -29.90 -20.80 12.03
C PRO D 236 -30.45 -19.73 12.98
N LEU D 237 -30.81 -18.57 12.44
CA LEU D 237 -31.37 -17.52 13.25
C LEU D 237 -32.73 -17.92 13.80
N THR D 238 -32.98 -17.60 15.06
CA THR D 238 -34.23 -17.95 15.74
C THR D 238 -34.92 -16.68 16.22
N PHE D 239 -36.24 -16.65 16.06
CA PHE D 239 -37.07 -15.52 16.46
C PHE D 239 -37.93 -15.89 17.66
N GLY D 240 -38.17 -14.91 18.52
CA GLY D 240 -38.99 -15.14 19.69
C GLY D 240 -40.46 -15.25 19.35
N ALA D 241 -41.25 -15.61 20.37
CA ALA D 241 -42.69 -15.77 20.18
C ALA D 241 -43.34 -14.46 19.76
N GLY D 242 -42.93 -13.36 20.39
CA GLY D 242 -43.47 -12.05 20.06
C GLY D 242 -44.45 -11.53 21.10
N THR D 243 -44.25 -10.29 21.52
CA THR D 243 -45.11 -9.64 22.50
C THR D 243 -45.87 -8.50 21.83
N LYS D 244 -47.18 -8.49 21.97
CA LYS D 244 -48.04 -7.50 21.34
C LYS D 244 -48.48 -6.46 22.36
N LEU D 245 -48.46 -5.20 21.94
CA LEU D 245 -48.92 -4.08 22.76
C LEU D 245 -50.22 -3.54 22.18
N GLU D 246 -51.20 -3.30 23.07
CA GLU D 246 -52.51 -2.83 22.64
C GLU D 246 -53.06 -1.88 23.70
N LEU D 247 -54.07 -1.12 23.31
CA LEU D 247 -54.72 -0.17 24.20
C LEU D 247 -56.23 -0.17 24.01
N TYR E 177 41.24 -37.62 -5.04
CA TYR E 177 40.77 -38.26 -3.78
C TYR E 177 39.35 -37.84 -3.46
N ALA E 178 38.70 -38.59 -2.56
CA ALA E 178 37.33 -38.25 -2.16
C ALA E 178 37.28 -36.92 -1.43
N LEU E 179 38.40 -36.48 -0.86
CA LEU E 179 38.42 -35.18 -0.18
C LEU E 179 38.08 -34.06 -1.13
N SER E 180 38.44 -34.19 -2.41
CA SER E 180 38.03 -33.20 -3.40
C SER E 180 36.51 -33.15 -3.51
N TYR E 181 35.86 -34.32 -3.52
CA TYR E 181 34.41 -34.36 -3.57
C TYR E 181 33.79 -33.75 -2.31
N CYS E 182 34.40 -34.02 -1.15
CA CYS E 182 33.90 -33.42 0.09
C CYS E 182 34.01 -31.91 0.04
N ALA E 183 35.13 -31.38 -0.44
CA ALA E 183 35.29 -29.93 -0.57
C ALA E 183 34.28 -29.36 -1.55
N LEU E 184 34.04 -30.06 -2.65
CA LEU E 184 33.05 -29.60 -3.62
C LEU E 184 31.66 -29.54 -2.99
N ILE E 185 31.30 -30.58 -2.20
CA ILE E 185 30.01 -30.59 -1.54
C ILE E 185 29.90 -29.43 -0.56
N LEU E 186 30.98 -29.18 0.19
CA LEU E 186 30.97 -28.08 1.14
C LEU E 186 30.77 -26.74 0.43
N ALA E 187 31.49 -26.54 -0.68
CA ALA E 187 31.33 -25.30 -1.44
C ALA E 187 29.90 -25.17 -1.97
N ILE E 188 29.35 -26.27 -2.49
CA ILE E 188 28.00 -26.24 -3.05
C ILE E 188 27.00 -25.84 -1.97
N VAL E 189 27.06 -26.50 -0.82
CA VAL E 189 26.09 -26.21 0.24
C VAL E 189 26.25 -24.77 0.72
N PHE E 190 27.51 -24.34 0.92
CA PHE E 190 27.73 -22.98 1.37
C PHE E 190 27.13 -21.96 0.41
N GLY E 191 27.47 -22.09 -0.88
CA GLY E 191 27.00 -21.12 -1.86
C GLY E 191 25.49 -21.12 -1.99
N ASN E 192 24.89 -22.30 -2.10
CA ASN E 192 23.44 -22.37 -2.30
C ASN E 192 22.70 -21.86 -1.07
N GLY E 193 23.14 -22.24 0.13
CA GLY E 193 22.51 -21.73 1.33
C GLY E 193 22.63 -20.22 1.46
N LEU E 194 23.82 -19.69 1.15
CA LEU E 194 24.01 -18.25 1.21
C LEU E 194 23.08 -17.53 0.24
N VAL E 195 22.97 -18.05 -0.99
CA VAL E 195 22.11 -17.42 -1.98
C VAL E 195 20.66 -17.48 -1.53
N CYS E 196 20.22 -18.64 -1.05
CA CYS E 196 18.83 -18.79 -0.64
C CYS E 196 18.49 -17.86 0.52
N MET E 197 19.39 -17.77 1.51
CA MET E 197 19.12 -16.92 2.66
C MET E 197 19.16 -15.45 2.26
N ALA E 198 20.05 -15.07 1.35
CA ALA E 198 20.09 -13.69 0.87
C ALA E 198 18.79 -13.34 0.16
N VAL E 199 18.29 -14.24 -0.69
CA VAL E 199 17.02 -14.00 -1.37
C VAL E 199 15.89 -13.88 -0.36
N LEU E 200 15.88 -14.77 0.63
CA LEU E 200 14.80 -14.76 1.63
C LEU E 200 14.81 -13.46 2.43
N LYS E 201 15.99 -12.97 2.79
CA LYS E 201 16.08 -11.83 3.70
C LYS E 201 15.80 -10.52 2.98
N GLU E 202 16.62 -10.18 1.99
CA GLU E 202 16.50 -8.88 1.35
C GLU E 202 15.19 -8.79 0.57
N ARG E 203 14.41 -7.74 0.85
CA ARG E 203 13.05 -7.66 0.32
C ARG E 203 13.03 -7.61 -1.20
N ALA E 204 13.89 -6.78 -1.80
CA ALA E 204 13.84 -6.56 -3.23
C ALA E 204 14.07 -7.83 -4.03
N LEU E 205 14.75 -8.82 -3.47
CA LEU E 205 15.02 -10.06 -4.20
C LEU E 205 13.80 -10.95 -4.34
N GLN E 206 12.72 -10.68 -3.60
CA GLN E 206 11.49 -11.47 -3.75
C GLN E 206 10.74 -11.01 -4.99
N THR E 207 11.07 -11.60 -6.14
CA THR E 207 10.43 -11.25 -7.40
C THR E 207 10.26 -12.51 -8.23
N THR E 208 9.42 -12.40 -9.27
CA THR E 208 9.12 -13.56 -10.10
C THR E 208 10.38 -14.11 -10.78
N THR E 209 11.25 -13.22 -11.28
CA THR E 209 12.44 -13.66 -11.99
C THR E 209 13.37 -14.45 -11.07
N ASN E 210 13.51 -14.01 -9.82
CA ASN E 210 14.41 -14.68 -8.89
C ASN E 210 13.86 -16.03 -8.42
N TYR E 211 12.60 -16.33 -8.70
CA TYR E 211 12.06 -17.63 -8.30
C TYR E 211 12.77 -18.76 -9.05
N LEU E 212 13.14 -18.53 -10.31
CA LEU E 212 13.88 -19.55 -11.05
C LEU E 212 15.23 -19.81 -10.41
N VAL E 213 15.94 -18.75 -10.01
CA VAL E 213 17.22 -18.92 -9.34
C VAL E 213 17.03 -19.63 -8.01
N VAL E 214 15.94 -19.32 -7.31
CA VAL E 214 15.66 -19.98 -6.03
C VAL E 214 15.44 -21.47 -6.26
N SER E 215 14.69 -21.82 -7.31
CA SER E 215 14.47 -23.22 -7.62
C SER E 215 15.78 -23.93 -7.98
N LEU E 216 16.64 -23.26 -8.75
CA LEU E 216 17.93 -23.84 -9.08
C LEU E 216 18.76 -24.07 -7.83
N ALA E 217 18.74 -23.11 -6.89
CA ALA E 217 19.48 -23.27 -5.64
C ALA E 217 18.91 -24.42 -4.82
N VAL E 218 17.58 -24.57 -4.80
CA VAL E 218 16.96 -25.67 -4.08
C VAL E 218 17.39 -27.00 -4.68
N ALA E 219 17.41 -27.09 -6.01
CA ALA E 219 17.88 -28.30 -6.67
C ALA E 219 19.34 -28.58 -6.32
N ASP E 220 20.18 -27.55 -6.28
CA ASP E 220 21.57 -27.74 -5.91
C ASP E 220 21.69 -28.23 -4.47
N LEU E 221 20.88 -27.69 -3.56
CA LEU E 221 20.89 -28.17 -2.18
C LEU E 221 20.48 -29.63 -2.10
N LEU E 222 19.45 -30.02 -2.85
CA LEU E 222 19.05 -31.41 -2.87
C LEU E 222 20.17 -32.30 -3.41
N VAL E 223 20.84 -31.86 -4.47
CA VAL E 223 21.97 -32.62 -5.00
C VAL E 223 23.04 -32.77 -3.93
N ALA E 224 23.35 -31.68 -3.22
CA ALA E 224 24.38 -31.73 -2.19
C ALA E 224 24.02 -32.70 -1.08
N THR E 225 22.75 -32.72 -0.67
CA THR E 225 22.36 -33.56 0.45
C THR E 225 22.23 -35.03 0.06
N LEU E 226 21.87 -35.32 -1.20
CA LEU E 226 21.43 -36.66 -1.54
C LEU E 226 22.44 -37.53 -2.27
N VAL E 227 23.12 -37.01 -3.31
CA VAL E 227 23.81 -37.87 -4.27
C VAL E 227 25.32 -37.92 -4.04
N MET E 228 26.00 -36.77 -3.96
CA MET E 228 27.45 -36.80 -3.83
C MET E 228 27.94 -37.62 -2.64
N PRO E 229 27.33 -37.58 -1.45
CA PRO E 229 27.87 -38.44 -0.37
C PRO E 229 27.93 -39.90 -0.74
N TRP E 230 26.92 -40.41 -1.44
CA TRP E 230 26.95 -41.81 -1.89
C TRP E 230 28.02 -42.02 -2.95
N VAL E 231 28.23 -41.03 -3.82
CA VAL E 231 29.31 -41.12 -4.79
C VAL E 231 30.65 -41.19 -4.09
N VAL E 232 30.83 -40.42 -3.01
CA VAL E 232 32.05 -40.47 -2.22
C VAL E 232 32.21 -41.84 -1.59
N TYR E 233 31.11 -42.41 -1.10
CA TYR E 233 31.16 -43.77 -0.56
C TYR E 233 31.65 -44.76 -1.62
N LEU E 234 31.10 -44.65 -2.83
CA LEU E 234 31.54 -45.53 -3.92
C LEU E 234 33.01 -45.33 -4.23
N GLU E 235 33.47 -44.08 -4.27
CA GLU E 235 34.87 -43.79 -4.56
C GLU E 235 35.77 -44.40 -3.50
N VAL E 236 35.37 -44.28 -2.22
CA VAL E 236 36.16 -44.87 -1.14
C VAL E 236 36.20 -46.38 -1.29
N THR E 237 35.04 -46.99 -1.58
CA THR E 237 34.96 -48.43 -1.79
C THR E 237 35.42 -48.87 -3.17
N GLY E 238 35.75 -47.93 -4.06
CA GLY E 238 36.20 -48.27 -5.39
C GLY E 238 35.14 -48.92 -6.26
N GLY E 239 33.91 -48.43 -6.21
CA GLY E 239 32.84 -48.94 -7.04
C GLY E 239 32.11 -50.15 -6.49
N VAL E 240 32.51 -50.64 -5.32
CA VAL E 240 31.86 -51.82 -4.74
C VAL E 240 30.58 -51.38 -4.05
N TRP E 241 29.45 -51.96 -4.47
CA TRP E 241 28.15 -51.65 -3.90
C TRP E 241 27.69 -52.82 -3.05
N ASN E 242 27.41 -52.56 -1.77
CA ASN E 242 26.97 -53.58 -0.84
C ASN E 242 25.51 -53.48 -0.43
N PHE E 243 24.88 -52.33 -0.62
CA PHE E 243 23.49 -52.16 -0.25
C PHE E 243 22.59 -52.91 -1.24
N SER E 244 21.30 -52.95 -0.91
CA SER E 244 20.33 -53.64 -1.76
C SER E 244 20.16 -52.92 -3.10
N ARG E 245 19.62 -53.64 -4.08
CA ARG E 245 19.41 -53.06 -5.40
C ARG E 245 18.44 -51.89 -5.35
N ILE E 246 17.54 -51.88 -4.37
CA ILE E 246 16.58 -50.78 -4.25
C ILE E 246 17.32 -49.48 -3.98
N CYS E 247 18.35 -49.54 -3.13
CA CYS E 247 19.13 -48.33 -2.84
C CYS E 247 19.83 -47.82 -4.09
N CYS E 248 20.41 -48.72 -4.88
CA CYS E 248 21.06 -48.32 -6.12
C CYS E 248 20.06 -47.68 -7.09
N ASP E 249 18.88 -48.29 -7.20
CA ASP E 249 17.86 -47.73 -8.09
C ASP E 249 17.43 -46.35 -7.63
N VAL E 250 17.24 -46.17 -6.32
CA VAL E 250 16.85 -44.87 -5.79
C VAL E 250 17.95 -43.85 -6.06
N PHE E 251 19.22 -44.24 -5.86
CA PHE E 251 20.33 -43.33 -6.11
C PHE E 251 20.35 -42.88 -7.57
N VAL E 252 20.21 -43.84 -8.49
CA VAL E 252 20.23 -43.50 -9.91
C VAL E 252 19.07 -42.58 -10.26
N THR E 253 17.87 -42.90 -9.75
CA THR E 253 16.70 -42.08 -10.05
C THR E 253 16.91 -40.66 -9.53
N LEU E 254 17.39 -40.52 -8.29
CA LEU E 254 17.57 -39.20 -7.71
C LEU E 254 18.60 -38.40 -8.51
N ASP E 255 19.73 -39.03 -8.84
CA ASP E 255 20.77 -38.32 -9.59
C ASP E 255 20.23 -37.85 -10.93
N VAL E 256 19.54 -38.73 -11.66
CA VAL E 256 19.04 -38.38 -12.98
C VAL E 256 18.02 -37.25 -12.88
N MET E 257 17.13 -37.34 -11.89
CA MET E 257 16.05 -36.34 -11.80
C MET E 257 16.60 -34.98 -11.37
N MET E 258 17.56 -34.96 -10.45
CA MET E 258 18.23 -33.70 -10.11
C MET E 258 18.93 -33.10 -11.33
N CYS E 259 19.67 -33.91 -12.08
CA CYS E 259 20.41 -33.37 -13.22
C CYS E 259 19.45 -32.81 -14.27
N THR E 260 18.39 -33.56 -14.59
CA THR E 260 17.42 -33.08 -15.56
C THR E 260 16.72 -31.82 -15.06
N ALA E 261 16.37 -31.76 -13.77
CA ALA E 261 15.74 -30.57 -13.23
C ALA E 261 16.65 -29.36 -13.33
N SER E 262 17.94 -29.54 -13.05
CA SER E 262 18.87 -28.41 -13.15
C SER E 262 19.00 -27.93 -14.58
N ILE E 263 19.15 -28.86 -15.53
CA ILE E 263 19.29 -28.44 -16.93
C ILE E 263 18.03 -27.72 -17.40
N LEU E 264 16.86 -28.27 -17.06
CA LEU E 264 15.61 -27.64 -17.47
C LEU E 264 15.40 -26.30 -16.77
N ASN E 265 15.89 -26.15 -15.55
CA ASN E 265 15.83 -24.85 -14.88
C ASN E 265 16.69 -23.82 -15.59
N LEU E 266 17.88 -24.22 -16.03
CA LEU E 266 18.70 -23.32 -16.83
C LEU E 266 17.98 -22.92 -18.11
N CYS E 267 17.36 -23.90 -18.78
CA CYS E 267 16.60 -23.59 -19.99
C CYS E 267 15.43 -22.64 -19.69
N ALA E 268 14.75 -22.85 -18.57
CA ALA E 268 13.65 -21.97 -18.20
C ALA E 268 14.13 -20.56 -17.91
N ILE E 269 15.29 -20.42 -17.26
CA ILE E 269 15.85 -19.08 -17.05
C ILE E 269 16.16 -18.42 -18.39
N SER E 270 16.74 -19.16 -19.32
CA SER E 270 17.02 -18.61 -20.64
C SER E 270 15.75 -18.16 -21.33
N ILE E 271 14.70 -18.98 -21.29
CA ILE E 271 13.46 -18.63 -21.98
C ILE E 271 12.78 -17.46 -21.29
N ASP E 272 12.89 -17.34 -19.97
CA ASP E 272 12.35 -16.19 -19.27
C ASP E 272 13.07 -14.91 -19.70
N ARG E 273 14.39 -14.97 -19.81
CA ARG E 273 15.13 -13.81 -20.31
C ARG E 273 14.70 -13.45 -21.72
N TYR E 274 14.49 -14.47 -22.56
CA TYR E 274 14.02 -14.23 -23.93
C TYR E 274 12.65 -13.56 -23.93
N THR E 275 11.74 -14.03 -23.08
CA THR E 275 10.42 -13.43 -23.00
C THR E 275 10.51 -11.98 -22.55
N ALA E 276 11.38 -11.70 -21.57
CA ALA E 276 11.58 -10.33 -21.13
C ALA E 276 12.08 -9.45 -22.26
N VAL E 277 13.04 -9.96 -23.04
CA VAL E 277 13.62 -9.17 -24.13
C VAL E 277 12.58 -8.91 -25.21
N VAL E 278 11.81 -9.94 -25.58
CA VAL E 278 10.90 -9.83 -26.72
C VAL E 278 9.58 -9.21 -26.32
N MET E 279 9.05 -9.58 -25.14
CA MET E 279 7.75 -9.09 -24.66
C MET E 279 8.01 -8.42 -23.31
N PRO E 280 8.43 -7.16 -23.33
CA PRO E 280 8.83 -6.50 -22.08
C PRO E 280 7.72 -5.79 -21.34
N VAL E 281 6.61 -5.49 -22.04
CA VAL E 281 5.59 -4.61 -21.47
C VAL E 281 5.01 -5.23 -20.21
N HIS E 282 4.63 -6.51 -20.26
CA HIS E 282 4.13 -7.19 -19.07
C HIS E 282 5.26 -7.59 -18.13
N TYR E 283 6.44 -7.92 -18.68
CA TYR E 283 7.55 -8.32 -17.84
C TYR E 283 8.06 -7.18 -16.96
N GLN E 284 7.67 -5.94 -17.27
CA GLN E 284 8.13 -4.80 -16.49
C GLN E 284 7.84 -5.01 -15.01
N HIS E 285 8.85 -4.74 -14.18
CA HIS E 285 8.82 -4.87 -12.73
C HIS E 285 8.78 -6.31 -12.25
N GLY E 286 8.67 -7.29 -13.16
CA GLY E 286 8.67 -8.69 -12.78
C GLY E 286 7.62 -9.01 -11.74
N THR E 287 6.44 -8.42 -11.87
CA THR E 287 5.36 -8.61 -10.91
C THR E 287 4.02 -8.60 -11.64
N GLY E 288 3.03 -9.20 -11.01
CA GLY E 288 1.70 -9.29 -11.56
C GLY E 288 1.27 -10.73 -11.79
N GLN E 289 -0.03 -10.87 -12.10
CA GLN E 289 -0.58 -12.21 -12.33
C GLN E 289 0.08 -12.87 -13.54
N SER E 290 0.31 -12.11 -14.61
CA SER E 290 0.86 -12.70 -15.82
C SER E 290 2.25 -13.28 -15.57
N SER E 291 3.09 -12.55 -14.83
CA SER E 291 4.46 -13.04 -14.58
C SER E 291 4.45 -14.23 -13.64
N CYS E 292 3.69 -14.15 -12.54
CA CYS E 292 3.67 -15.24 -11.57
C CYS E 292 3.11 -16.51 -12.20
N ARG E 293 2.06 -16.39 -12.99
CA ARG E 293 1.46 -17.56 -13.64
C ARG E 293 2.48 -18.26 -14.52
N ARG E 294 3.17 -17.50 -15.38
CA ARG E 294 4.12 -18.11 -16.30
C ARG E 294 5.31 -18.70 -15.56
N VAL E 295 5.79 -18.02 -14.50
CA VAL E 295 6.91 -18.55 -13.75
C VAL E 295 6.52 -19.87 -13.08
N ALA E 296 5.35 -19.91 -12.46
CA ALA E 296 4.89 -21.13 -11.82
C ALA E 296 4.71 -22.25 -12.85
N LEU E 297 4.14 -21.92 -14.01
CA LEU E 297 3.96 -22.92 -15.05
C LEU E 297 5.29 -23.49 -15.51
N MET E 298 6.27 -22.62 -15.74
CA MET E 298 7.58 -23.10 -16.19
C MET E 298 8.23 -23.99 -15.13
N ILE E 299 8.18 -23.56 -13.86
CA ILE E 299 8.82 -24.36 -12.81
C ILE E 299 8.14 -25.72 -12.69
N THR E 300 6.80 -25.72 -12.70
CA THR E 300 6.07 -26.98 -12.58
C THR E 300 6.36 -27.88 -13.78
N ALA E 301 6.41 -27.32 -14.98
CA ALA E 301 6.71 -28.11 -16.16
C ALA E 301 8.10 -28.71 -16.07
N VAL E 302 9.08 -27.92 -15.62
CA VAL E 302 10.44 -28.42 -15.49
C VAL E 302 10.48 -29.59 -14.52
N TRP E 303 9.88 -29.41 -13.34
CA TRP E 303 9.92 -30.47 -12.33
C TRP E 303 9.19 -31.72 -12.81
N VAL E 304 8.03 -31.53 -13.44
CA VAL E 304 7.25 -32.68 -13.92
C VAL E 304 8.01 -33.42 -15.01
N LEU E 305 8.66 -32.68 -15.91
CA LEU E 305 9.44 -33.32 -16.96
C LEU E 305 10.60 -34.11 -16.38
N ALA E 306 11.29 -33.54 -15.39
CA ALA E 306 12.38 -34.28 -14.75
C ALA E 306 11.86 -35.55 -14.08
N PHE E 307 10.75 -35.45 -13.36
CA PHE E 307 10.19 -36.62 -12.68
C PHE E 307 9.77 -37.68 -13.69
N ALA E 308 9.13 -37.27 -14.79
CA ALA E 308 8.71 -38.22 -15.81
C ALA E 308 9.90 -38.89 -16.47
N VAL E 309 10.96 -38.13 -16.74
CA VAL E 309 12.15 -38.71 -17.35
C VAL E 309 12.81 -39.70 -16.41
N SER E 310 12.80 -39.43 -15.10
CA SER E 310 13.49 -40.28 -14.15
C SER E 310 12.65 -41.45 -13.64
N CYS E 311 11.33 -41.41 -13.81
CA CYS E 311 10.48 -42.48 -13.28
C CYS E 311 10.82 -43.86 -13.83
N PRO E 312 11.14 -44.05 -15.11
CA PRO E 312 11.32 -45.42 -15.61
C PRO E 312 12.41 -46.18 -14.88
N LEU E 313 13.39 -45.47 -14.31
CA LEU E 313 14.44 -46.13 -13.54
C LEU E 313 13.85 -46.87 -12.34
N LEU E 314 12.89 -46.24 -11.65
CA LEU E 314 12.29 -46.86 -10.47
C LEU E 314 11.57 -48.15 -10.83
N PHE E 315 11.07 -48.26 -12.06
CA PHE E 315 10.32 -49.44 -12.49
C PHE E 315 11.24 -50.60 -12.87
N GLY E 316 12.52 -50.53 -12.57
CA GLY E 316 13.43 -51.60 -12.92
C GLY E 316 13.83 -51.63 -14.37
N PHE E 317 13.54 -50.57 -15.12
CA PHE E 317 13.91 -50.51 -16.53
C PHE E 317 15.42 -50.50 -16.73
N ASN E 318 16.17 -50.00 -15.74
CA ASN E 318 17.63 -49.90 -15.83
C ASN E 318 18.24 -51.29 -15.66
N THR E 319 18.21 -52.06 -16.75
CA THR E 319 18.80 -53.39 -16.75
C THR E 319 20.29 -53.31 -16.47
N THR E 320 20.77 -54.21 -15.61
CA THR E 320 22.18 -54.22 -15.22
C THR E 320 22.65 -55.67 -15.14
N GLY E 321 23.97 -55.83 -15.09
CA GLY E 321 24.58 -57.14 -15.01
C GLY E 321 24.96 -57.52 -13.59
N ASP E 322 26.24 -57.38 -13.26
CA ASP E 322 26.71 -57.71 -11.93
C ASP E 322 26.03 -56.81 -10.90
N PRO E 323 25.32 -57.36 -9.91
CA PRO E 323 24.60 -56.49 -8.97
C PRO E 323 25.50 -55.60 -8.14
N THR E 324 26.78 -55.94 -7.99
CA THR E 324 27.69 -55.14 -7.16
C THR E 324 28.08 -53.82 -7.81
N VAL E 325 27.73 -53.61 -9.08
CA VAL E 325 28.06 -52.37 -9.79
C VAL E 325 26.79 -51.57 -9.96
N CYS E 326 26.83 -50.31 -9.51
CA CYS E 326 25.68 -49.40 -9.57
C CYS E 326 25.96 -48.36 -10.65
N SER E 327 25.25 -48.46 -11.77
CA SER E 327 25.43 -47.53 -12.88
C SER E 327 24.27 -47.73 -13.85
N ILE E 328 24.22 -46.87 -14.87
CA ILE E 328 23.22 -46.93 -15.92
C ILE E 328 23.90 -47.39 -17.19
N SER E 329 23.42 -48.50 -17.76
CA SER E 329 24.07 -49.09 -18.93
C SER E 329 23.07 -49.62 -19.96
N ASN E 330 21.81 -49.22 -19.90
CA ASN E 330 20.82 -49.73 -20.85
C ASN E 330 20.85 -48.92 -22.14
N PRO E 331 21.20 -49.50 -23.29
CA PRO E 331 21.22 -48.71 -24.53
C PRO E 331 19.91 -48.00 -24.83
N ASP E 332 18.77 -48.66 -24.60
CA ASP E 332 17.49 -48.06 -24.98
C ASP E 332 17.20 -46.81 -24.17
N PHE E 333 17.41 -46.86 -22.85
CA PHE E 333 17.08 -45.73 -22.00
C PHE E 333 18.10 -44.59 -22.13
N VAL E 334 19.37 -44.94 -22.31
CA VAL E 334 20.44 -43.94 -22.23
C VAL E 334 20.27 -42.89 -23.31
N ILE E 335 20.06 -43.31 -24.56
CA ILE E 335 20.02 -42.37 -25.67
C ILE E 335 18.83 -41.42 -25.52
N TYR E 336 17.65 -41.97 -25.23
CA TYR E 336 16.47 -41.14 -25.08
C TYR E 336 16.62 -40.17 -23.91
N SER E 337 17.13 -40.67 -22.77
CA SER E 337 17.29 -39.80 -21.61
C SER E 337 18.27 -38.68 -21.89
N SER E 338 19.41 -39.00 -22.51
CA SER E 338 20.39 -37.97 -22.83
C SER E 338 19.80 -36.95 -23.79
N VAL E 339 19.11 -37.41 -24.83
CA VAL E 339 18.50 -36.52 -25.80
C VAL E 339 17.61 -35.55 -25.05
N VAL E 340 16.59 -36.08 -24.36
CA VAL E 340 15.59 -35.22 -23.72
C VAL E 340 16.23 -34.29 -22.71
N SER E 341 17.21 -34.78 -21.94
CA SER E 341 17.75 -34.00 -20.85
C SER E 341 18.71 -32.91 -21.30
N PHE E 342 19.48 -33.13 -22.38
CA PHE E 342 20.48 -32.16 -22.77
C PHE E 342 20.22 -31.57 -24.16
N TYR E 343 20.09 -32.44 -25.17
CA TYR E 343 20.16 -31.97 -26.55
C TYR E 343 18.99 -31.05 -26.89
N LEU E 344 17.76 -31.42 -26.51
CA LEU E 344 16.63 -30.53 -26.75
C LEU E 344 16.78 -29.24 -25.96
N PRO E 345 16.92 -29.27 -24.63
CA PRO E 345 17.13 -28.00 -23.91
C PRO E 345 18.39 -27.27 -24.33
N PHE E 346 19.48 -27.99 -24.65
CA PHE E 346 20.70 -27.32 -25.07
C PHE E 346 20.49 -26.56 -26.38
N GLY E 347 19.89 -27.23 -27.37
CA GLY E 347 19.61 -26.55 -28.63
C GLY E 347 18.66 -25.39 -28.45
N VAL E 348 17.63 -25.57 -27.62
CA VAL E 348 16.67 -24.50 -27.38
C VAL E 348 17.39 -23.29 -26.77
N THR E 349 18.23 -23.54 -25.77
CA THR E 349 18.96 -22.44 -25.12
C THR E 349 19.90 -21.75 -26.10
N VAL E 350 20.60 -22.53 -26.92
CA VAL E 350 21.54 -21.93 -27.87
C VAL E 350 20.80 -21.05 -28.86
N LEU E 351 19.70 -21.56 -29.42
CA LEU E 351 18.92 -20.79 -30.38
C LEU E 351 18.35 -19.53 -29.73
N VAL E 352 17.86 -19.66 -28.50
CA VAL E 352 17.26 -18.53 -27.80
C VAL E 352 18.30 -17.45 -27.56
N TYR E 353 19.49 -17.83 -27.10
CA TYR E 353 20.52 -16.85 -26.84
C TYR E 353 21.04 -16.21 -28.13
N ALA E 354 21.13 -16.99 -29.21
CA ALA E 354 21.50 -16.40 -30.50
C ALA E 354 20.46 -15.38 -30.94
N ARG E 355 19.18 -15.71 -30.75
CA ARG E 355 18.10 -14.77 -31.10
C ARG E 355 18.20 -13.51 -30.26
N ILE E 356 18.49 -13.65 -28.97
CA ILE E 356 18.61 -12.49 -28.09
C ILE E 356 19.78 -11.61 -28.56
N TYR E 357 20.91 -12.24 -28.87
CA TYR E 357 22.06 -11.50 -29.38
C TYR E 357 21.69 -10.72 -30.64
N VAL E 358 21.01 -11.39 -31.57
CA VAL E 358 20.60 -10.74 -32.82
C VAL E 358 19.67 -9.58 -32.52
N VAL E 359 18.74 -9.76 -31.58
CA VAL E 359 17.76 -8.72 -31.27
C VAL E 359 18.46 -7.49 -30.71
N LEU E 360 19.37 -7.69 -29.75
CA LEU E 360 20.08 -6.55 -29.17
C LEU E 360 20.93 -5.84 -30.22
N LYS E 361 21.65 -6.61 -31.05
CA LYS E 361 22.49 -5.97 -32.06
C LYS E 361 21.65 -5.19 -33.07
N GLN E 362 20.52 -5.77 -33.49
CA GLN E 362 19.65 -5.08 -34.44
C GLN E 362 19.07 -3.81 -33.82
N ARG E 363 18.67 -3.87 -32.55
CA ARG E 363 18.15 -2.68 -31.88
C ARG E 363 19.21 -1.60 -31.79
N ARG E 364 20.45 -1.98 -31.44
CA ARG E 364 21.52 -1.00 -31.37
C ARG E 364 21.78 -0.37 -32.73
N ARG E 365 21.81 -1.18 -33.79
CA ARG E 365 22.04 -0.65 -35.13
C ARG E 365 20.90 0.28 -35.55
N LYS E 366 19.66 -0.10 -35.25
CA LYS E 366 18.52 0.75 -35.61
C LYS E 366 18.57 2.08 -34.87
N ARG E 367 18.94 2.06 -33.58
CA ARG E 367 19.03 3.30 -32.82
C ARG E 367 20.08 4.23 -33.40
N ILE E 368 21.23 3.68 -33.80
CA ILE E 368 22.29 4.47 -34.39
C ILE E 368 21.93 4.84 -35.82
N PRO E 466 27.86 1.25 -25.37
CA PRO E 466 28.63 1.47 -24.14
C PRO E 466 29.12 0.17 -23.51
N LEU E 467 29.82 0.29 -22.38
CA LEU E 467 30.35 -0.89 -21.71
C LEU E 467 29.25 -1.77 -21.12
N ARG E 468 28.05 -1.24 -20.94
CA ARG E 468 26.98 -2.02 -20.32
C ARG E 468 26.45 -3.09 -21.27
N GLU E 469 26.24 -2.73 -22.55
CA GLU E 469 25.81 -3.72 -23.52
C GLU E 469 26.89 -4.78 -23.73
N LYS E 470 28.16 -4.37 -23.74
CA LYS E 470 29.24 -5.34 -23.83
C LYS E 470 29.26 -6.25 -22.61
N LYS E 471 28.96 -5.70 -21.44
CA LYS E 471 28.89 -6.52 -20.23
C LYS E 471 27.77 -7.55 -20.34
N ALA E 472 26.62 -7.13 -20.87
CA ALA E 472 25.52 -8.08 -21.07
C ALA E 472 25.90 -9.17 -22.06
N THR E 473 26.57 -8.79 -23.15
CA THR E 473 27.01 -9.78 -24.12
C THR E 473 28.01 -10.76 -23.50
N GLN E 474 28.92 -10.23 -22.67
CA GLN E 474 29.87 -11.09 -21.98
C GLN E 474 29.16 -12.04 -21.03
N MET E 475 28.14 -11.55 -20.34
CA MET E 475 27.34 -12.41 -19.46
C MET E 475 26.73 -13.56 -20.25
N VAL E 476 26.09 -13.24 -21.37
CA VAL E 476 25.45 -14.29 -22.17
C VAL E 476 26.50 -15.29 -22.66
N ALA E 477 27.62 -14.77 -23.17
CA ALA E 477 28.65 -15.64 -23.73
C ALA E 477 29.24 -16.56 -22.67
N ILE E 478 29.52 -16.02 -21.48
CA ILE E 478 30.13 -16.82 -20.43
C ILE E 478 29.14 -17.86 -19.92
N VAL E 479 27.86 -17.49 -19.80
CA VAL E 479 26.86 -18.46 -19.38
C VAL E 479 26.78 -19.61 -20.38
N LEU E 480 26.72 -19.29 -21.67
CA LEU E 480 26.65 -20.33 -22.69
C LEU E 480 27.89 -21.19 -22.69
N GLY E 481 29.07 -20.58 -22.56
CA GLY E 481 30.31 -21.35 -22.57
C GLY E 481 30.40 -22.28 -21.37
N ALA E 482 30.01 -21.78 -20.19
CA ALA E 482 30.00 -22.63 -19.00
C ALA E 482 29.05 -23.80 -19.18
N PHE E 483 27.84 -23.54 -19.68
CA PHE E 483 26.89 -24.62 -19.90
C PHE E 483 27.47 -25.67 -20.85
N ILE E 484 28.05 -25.22 -21.96
CA ILE E 484 28.64 -26.15 -22.93
C ILE E 484 29.73 -26.98 -22.26
N VAL E 485 30.79 -26.31 -21.80
CA VAL E 485 31.94 -27.02 -21.27
C VAL E 485 31.57 -27.89 -20.07
N CYS E 486 30.46 -27.60 -19.40
CA CYS E 486 30.06 -28.40 -18.24
C CYS E 486 29.30 -29.65 -18.66
N TRP E 487 28.33 -29.51 -19.56
CA TRP E 487 27.41 -30.60 -19.84
C TRP E 487 27.68 -31.35 -21.14
N LEU E 488 28.06 -30.66 -22.21
CA LEU E 488 28.20 -31.34 -23.49
C LEU E 488 29.21 -32.48 -23.44
N PRO E 489 30.42 -32.29 -22.92
CA PRO E 489 31.37 -33.41 -22.89
C PRO E 489 30.86 -34.61 -22.12
N PHE E 490 30.17 -34.37 -20.99
CA PHE E 490 29.69 -35.48 -20.17
C PHE E 490 28.67 -36.33 -20.93
N PHE E 491 27.68 -35.68 -21.54
CA PHE E 491 26.67 -36.42 -22.28
C PHE E 491 27.26 -37.08 -23.52
N LEU E 492 28.21 -36.41 -24.18
CA LEU E 492 28.87 -37.02 -25.33
C LEU E 492 29.58 -38.31 -24.92
N THR E 493 30.34 -38.26 -23.82
CA THR E 493 31.02 -39.46 -23.35
C THR E 493 30.03 -40.53 -22.94
N HIS E 494 28.93 -40.09 -22.30
CA HIS E 494 27.83 -40.96 -21.81
C HIS E 494 27.25 -41.76 -22.98
N VAL E 495 26.99 -41.11 -24.11
CA VAL E 495 26.39 -41.76 -25.28
C VAL E 495 27.43 -42.61 -26.01
N LEU E 496 28.66 -42.11 -26.15
CA LEU E 496 29.68 -42.87 -26.85
C LEU E 496 30.00 -44.18 -26.14
N ASN E 497 30.20 -44.12 -24.81
CA ASN E 497 30.53 -45.34 -24.08
C ASN E 497 29.42 -46.37 -24.16
N THR E 498 28.16 -45.91 -24.16
CA THR E 498 27.03 -46.84 -24.17
C THR E 498 26.80 -47.44 -25.56
N HIS E 499 27.00 -46.64 -26.61
CA HIS E 499 26.59 -47.07 -27.95
C HIS E 499 27.75 -47.31 -28.91
N CYS E 500 28.97 -46.91 -28.56
CA CYS E 500 30.11 -47.13 -29.44
C CYS E 500 30.54 -48.59 -29.36
N GLN E 501 30.64 -49.25 -30.52
CA GLN E 501 31.06 -50.63 -30.55
C GLN E 501 32.57 -50.77 -30.31
N THR E 502 33.34 -49.74 -30.67
CA THR E 502 34.79 -49.78 -30.47
C THR E 502 35.26 -48.35 -30.24
N CYS E 503 35.42 -47.99 -28.97
CA CYS E 503 35.92 -46.68 -28.58
C CYS E 503 36.93 -46.84 -27.45
N HIS E 504 37.89 -45.92 -27.41
CA HIS E 504 38.92 -45.93 -26.37
C HIS E 504 38.46 -45.25 -25.07
N VAL E 505 37.33 -45.69 -24.52
CA VAL E 505 36.83 -45.09 -23.29
C VAL E 505 37.44 -45.80 -22.09
N SER E 506 37.76 -45.02 -21.06
CA SER E 506 38.37 -45.55 -19.84
C SER E 506 37.60 -45.02 -18.63
N PRO E 507 37.62 -45.75 -17.52
CA PRO E 507 36.91 -45.26 -16.33
C PRO E 507 37.41 -43.92 -15.83
N GLU E 508 38.70 -43.63 -16.02
CA GLU E 508 39.24 -42.35 -15.58
C GLU E 508 38.58 -41.19 -16.32
N LEU E 509 38.39 -41.34 -17.63
CA LEU E 509 37.72 -40.31 -18.40
C LEU E 509 36.28 -40.12 -17.94
N TYR E 510 35.59 -41.23 -17.65
CA TYR E 510 34.20 -41.13 -17.17
C TYR E 510 34.15 -40.39 -15.83
N SER E 511 35.08 -40.70 -14.93
CA SER E 511 35.12 -40.01 -13.65
C SER E 511 35.42 -38.53 -13.82
N ALA E 512 36.35 -38.21 -14.72
CA ALA E 512 36.67 -36.81 -14.97
C ALA E 512 35.46 -36.05 -15.51
N THR E 513 34.74 -36.65 -16.46
CA THR E 513 33.54 -36.01 -16.98
C THR E 513 32.46 -35.88 -15.91
N THR E 514 32.31 -36.88 -15.05
CA THR E 514 31.34 -36.78 -13.97
C THR E 514 31.68 -35.64 -13.02
N TRP E 515 32.97 -35.49 -12.67
CA TRP E 515 33.38 -34.41 -11.81
C TRP E 515 33.16 -33.06 -12.49
N LEU E 516 33.46 -32.97 -13.79
CA LEU E 516 33.25 -31.71 -14.51
C LEU E 516 31.78 -31.37 -14.61
N GLY E 517 30.90 -32.38 -14.67
CA GLY E 517 29.47 -32.11 -14.66
C GLY E 517 28.94 -31.75 -13.28
N TYR E 518 29.53 -32.30 -12.23
CA TYR E 518 29.09 -31.98 -10.88
C TYR E 518 29.54 -30.59 -10.45
N VAL E 519 30.75 -30.18 -10.84
CA VAL E 519 31.23 -28.85 -10.49
C VAL E 519 30.40 -27.77 -11.16
N ASN E 520 29.58 -28.13 -12.15
CA ASN E 520 28.68 -27.17 -12.77
C ASN E 520 27.72 -26.59 -11.74
N SER E 521 27.15 -27.44 -10.89
CA SER E 521 26.26 -26.96 -9.84
C SER E 521 26.99 -26.06 -8.86
N ALA E 522 28.25 -26.39 -8.54
CA ALA E 522 29.03 -25.56 -7.63
C ALA E 522 29.31 -24.19 -8.21
N LEU E 523 29.59 -24.11 -9.51
CA LEU E 523 29.93 -22.84 -10.13
C LEU E 523 28.72 -22.04 -10.60
N ASN E 524 27.55 -22.67 -10.71
CA ASN E 524 26.35 -21.95 -11.16
C ASN E 524 25.97 -20.78 -10.26
N PRO E 525 25.86 -20.93 -8.94
CA PRO E 525 25.44 -19.77 -8.13
C PRO E 525 26.38 -18.59 -8.23
N VAL E 526 27.69 -18.84 -8.34
CA VAL E 526 28.65 -17.74 -8.46
C VAL E 526 28.35 -16.92 -9.70
N ILE E 527 28.22 -17.60 -10.85
CA ILE E 527 28.01 -16.89 -12.11
C ILE E 527 26.64 -16.21 -12.10
N TYR E 528 25.64 -16.83 -11.49
CA TYR E 528 24.28 -16.32 -11.58
C TYR E 528 23.93 -15.29 -10.50
N THR E 529 24.76 -15.13 -9.47
CA THR E 529 24.44 -14.15 -8.43
C THR E 529 25.56 -13.18 -8.13
N THR E 530 26.83 -13.63 -8.18
CA THR E 530 27.93 -12.77 -7.77
C THR E 530 28.10 -11.57 -8.68
N PHE E 531 27.57 -11.62 -9.90
CA PHE E 531 27.70 -10.53 -10.86
C PHE E 531 26.50 -9.60 -10.89
N ASN E 532 25.51 -9.81 -10.03
CA ASN E 532 24.32 -8.97 -9.95
C ASN E 532 24.49 -7.98 -8.80
N ILE E 533 24.18 -6.71 -9.08
CA ILE E 533 24.47 -5.65 -8.11
C ILE E 533 23.72 -5.88 -6.80
N GLU E 534 22.43 -6.19 -6.90
CA GLU E 534 21.64 -6.40 -5.68
C GLU E 534 22.15 -7.61 -4.91
N PHE E 535 22.46 -8.70 -5.61
CA PHE E 535 22.99 -9.89 -4.93
C PHE E 535 24.34 -9.58 -4.29
N ARG E 536 25.19 -8.82 -4.98
CA ARG E 536 26.48 -8.45 -4.40
C ARG E 536 26.30 -7.64 -3.13
N LYS E 537 25.37 -6.67 -3.16
CA LYS E 537 25.11 -5.87 -1.96
C LYS E 537 24.60 -6.76 -0.83
N ALA E 538 23.69 -7.68 -1.13
CA ALA E 538 23.17 -8.58 -0.10
C ALA E 538 24.27 -9.42 0.51
N PHE E 539 25.14 -9.98 -0.34
CA PHE E 539 26.23 -10.81 0.16
C PHE E 539 27.19 -10.00 1.02
N LEU E 540 27.51 -8.77 0.58
CA LEU E 540 28.40 -7.92 1.37
C LEU E 540 27.79 -7.59 2.71
N LYS E 541 26.48 -7.27 2.73
CA LYS E 541 25.82 -6.98 4.00
C LYS E 541 25.83 -8.20 4.91
N ILE E 542 25.58 -9.38 4.37
CA ILE E 542 25.56 -10.59 5.18
C ILE E 542 26.94 -10.86 5.76
N LEU E 543 27.98 -10.75 4.92
CA LEU E 543 29.33 -11.03 5.38
C LEU E 543 29.86 -9.96 6.33
N SER E 544 29.30 -8.75 6.29
CA SER E 544 29.74 -7.71 7.22
C SER E 544 29.45 -8.09 8.66
N CYS E 545 28.40 -8.88 8.90
CA CYS E 545 28.05 -9.30 10.24
C CYS E 545 29.01 -10.38 10.75
C1 G6L F . 22.18 -38.28 -15.92
C10 G6L F . 27.25 -35.94 -13.13
C2 G6L F . 22.26 -39.43 -16.66
C3 G6L F . 23.04 -37.92 -14.82
C4 G6L F . 23.34 -40.48 -16.39
C5 G6L F . 24.38 -38.57 -14.63
C6 G6L F . 24.31 -40.07 -15.18
C7 G6L F . 20.34 -38.31 -17.68
C8 G6L F . 26.08 -38.14 -13.02
C9 G6L F . 26.08 -36.69 -12.52
N1 G6L F . 21.20 -39.35 -17.60
N2 G6L F . 24.71 -38.59 -13.21
N3 G6L F . 19.23 -38.13 -18.60
S G6L F . 20.85 -37.25 -16.42
#